data_8ACN
#
_entry.id   8ACN
#
_cell.length_a   185.500
_cell.length_b   72.000
_cell.length_c   73.000
_cell.angle_alpha   90.00
_cell.angle_beta   90.00
_cell.angle_gamma   77.70
#
_symmetry.space_group_name_H-M   'B 1 1 2'
#
loop_
_entity.id
_entity.type
_entity.pdbx_description
1 polymer ACONITASE
2 non-polymer 'IRON/SULFUR CLUSTER'
3 non-polymer 'NITROISOCITRIC ACID'
4 water water
#
_entity_poly.entity_id   1
_entity_poly.type   'polypeptide(L)'
_entity_poly.pdbx_seq_one_letter_code
;(PCA)RAKVAMSHFEPHEYIRYDLLEKNIDIVRKRLNRPLTLSEKIVYGHLDDPANQEIERGKTYLRLRPDRVAMQDATA
QMAMLQFISSGLPKVAVPSTIHCDHLIEAQLGGEKDLRRAKDINQEVYNFLATAGAKYGVGFWRPGSGIIHQIILENYAY
PGVLLIGTDSHTPNGGGLGGICIGVGGADAVDVMAGIPWELKCPKVIGVKLTGSLSGWTSPKDVILKVAGILTVKGGTGA
IVEYHGPGVDSISCTGMATICNMGAEIGATTSVFPYNHRMKKYLSKTGRADIANLADEFKDHLVPDSGCHYDQLIEINLS
ELKPHINGPFTPDLAHPVAEVGSVAEKEGWPLDIRVGLIGSCTNSSYEDMGRSAAVAKQALAHGLKCKSQFTITPGSEQI
RATIERDGYAQVLRDVGGIVLANACGPCIGQWDRKDIKKGEKNTIVTSYNRNFTGRNDANPETHAFVTSPEIVTALAIAG
TLKFNPETDFLTGKDGKKFKLEAPDADELPRAEFDPGQDTYQHPPKDSSGQRVDVSPTSQRLQLLEPFDKWDGKDLEDLQ
ILIKVKGKCTTDHISAAGPWLKFRGHLDNISNNLLIGAINSENRKANSVRNAVTQEFGPVPDTARYYKQHGIRWVVIGDE
NYGEGSSREHSALEPRFLGGRAIITKSFARIHETNLKKQGLLPLTFADPADYNKIHPVDKLTIQGLKDFAPGKPLTCIIK
HPNGTQETILLNHTFNETQIEWFRAGSALNRMKELQQK
;
_entity_poly.pdbx_strand_id   A
#
loop_
_chem_comp.id
_chem_comp.type
_chem_comp.name
_chem_comp.formula
NIC non-polymer 'NITROISOCITRIC ACID' 'C5 H7 N O7'
SF4 non-polymer 'IRON/SULFUR CLUSTER' 'Fe4 S4'
#
# COMPACT_ATOMS: atom_id res chain seq x y z
N ARG A 2 -26.78 1.66 -24.01
CA ARG A 2 -25.79 2.70 -24.15
C ARG A 2 -24.83 1.96 -25.08
N ALA A 3 -23.53 2.15 -24.83
CA ALA A 3 -22.44 1.54 -25.52
C ALA A 3 -22.31 0.22 -24.73
N LYS A 4 -21.79 -0.86 -25.31
CA LYS A 4 -21.58 -2.11 -24.63
C LYS A 4 -20.08 -2.25 -24.77
N VAL A 5 -19.30 -1.56 -23.93
CA VAL A 5 -17.86 -1.65 -23.98
C VAL A 5 -17.42 -2.42 -22.71
N ALA A 6 -16.78 -3.56 -22.88
CA ALA A 6 -16.35 -4.40 -21.79
C ALA A 6 -15.31 -3.72 -20.92
N MET A 7 -15.40 -4.05 -19.63
CA MET A 7 -14.48 -3.58 -18.60
C MET A 7 -13.03 -4.01 -18.81
N SER A 8 -12.79 -5.14 -19.46
CA SER A 8 -11.45 -5.59 -19.78
C SER A 8 -11.58 -6.66 -20.86
N HIS A 9 -10.44 -7.11 -21.34
CA HIS A 9 -10.39 -8.18 -22.32
C HIS A 9 -10.77 -9.51 -21.71
N PHE A 10 -10.77 -9.66 -20.39
CA PHE A 10 -11.06 -10.94 -19.78
C PHE A 10 -12.51 -11.08 -19.38
N GLU A 11 -13.26 -9.97 -19.36
CA GLU A 11 -14.65 -9.99 -18.93
C GLU A 11 -15.48 -9.32 -19.99
N PRO A 12 -15.73 -10.02 -21.10
CA PRO A 12 -16.35 -9.47 -22.31
C PRO A 12 -17.79 -9.03 -22.16
N HIS A 13 -18.37 -9.45 -21.03
CA HIS A 13 -19.76 -9.32 -20.64
C HIS A 13 -19.96 -8.28 -19.56
N GLU A 14 -18.90 -7.73 -18.99
CA GLU A 14 -19.04 -6.81 -17.88
C GLU A 14 -18.89 -5.48 -18.55
N TYR A 15 -19.89 -4.67 -18.61
CA TYR A 15 -19.75 -3.44 -19.36
C TYR A 15 -19.47 -2.25 -18.49
N ILE A 16 -18.77 -1.26 -19.01
CA ILE A 16 -18.53 0.00 -18.31
C ILE A 16 -19.85 0.75 -18.21
N ARG A 17 -20.18 1.25 -17.02
CA ARG A 17 -21.42 1.95 -16.79
C ARG A 17 -21.25 3.43 -16.57
N TYR A 18 -20.82 4.12 -17.62
CA TYR A 18 -20.69 5.57 -17.52
C TYR A 18 -22.05 6.24 -17.44
N ASP A 19 -23.09 5.56 -17.91
CA ASP A 19 -24.46 6.07 -17.89
C ASP A 19 -24.93 6.13 -16.43
N LEU A 20 -24.61 5.10 -15.65
CA LEU A 20 -24.86 5.05 -14.23
C LEU A 20 -24.14 6.15 -13.50
N LEU A 21 -22.87 6.30 -13.85
CA LEU A 21 -22.05 7.34 -13.24
C LEU A 21 -22.66 8.74 -13.46
N GLU A 22 -23.00 9.07 -14.71
CA GLU A 22 -23.61 10.32 -15.12
C GLU A 22 -24.89 10.55 -14.35
N LYS A 23 -25.72 9.51 -14.36
CA LYS A 23 -26.96 9.51 -13.65
C LYS A 23 -26.80 9.88 -12.19
N ASN A 24 -25.83 9.25 -11.50
CA ASN A 24 -25.62 9.51 -10.09
C ASN A 24 -25.00 10.85 -9.80
N ILE A 25 -24.06 11.30 -10.62
CA ILE A 25 -23.43 12.60 -10.48
C ILE A 25 -24.53 13.65 -10.55
N ASP A 26 -25.47 13.47 -11.48
CA ASP A 26 -26.50 14.44 -11.60
C ASP A 26 -27.48 14.47 -10.46
N ILE A 27 -27.78 13.37 -9.81
CA ILE A 27 -28.63 13.38 -8.63
C ILE A 27 -27.96 14.19 -7.52
N VAL A 28 -26.69 13.88 -7.25
CA VAL A 28 -25.91 14.53 -6.21
C VAL A 28 -25.69 16.02 -6.51
N ARG A 29 -25.36 16.48 -7.73
CA ARG A 29 -25.13 17.89 -7.89
C ARG A 29 -26.44 18.64 -7.78
N LYS A 30 -27.60 18.06 -8.07
CA LYS A 30 -28.89 18.71 -7.81
C LYS A 30 -29.06 18.91 -6.31
N ARG A 31 -28.52 17.99 -5.50
CA ARG A 31 -28.59 18.12 -4.06
C ARG A 31 -27.59 19.13 -3.57
N LEU A 32 -26.34 19.15 -4.07
CA LEU A 32 -25.32 20.00 -3.48
C LEU A 32 -25.22 21.39 -4.04
N ASN A 33 -25.68 21.64 -5.27
CA ASN A 33 -25.64 22.97 -5.88
C ASN A 33 -24.31 23.68 -5.78
N ARG A 34 -23.26 22.93 -6.11
CA ARG A 34 -21.91 23.50 -6.11
C ARG A 34 -21.05 22.68 -7.06
N PRO A 35 -19.91 23.19 -7.55
CA PRO A 35 -18.97 22.42 -8.35
C PRO A 35 -18.40 21.25 -7.55
N LEU A 36 -18.21 20.15 -8.26
CA LEU A 36 -17.69 18.93 -7.67
C LEU A 36 -16.26 18.75 -8.10
N THR A 37 -15.35 18.28 -7.24
CA THR A 37 -14.02 17.95 -7.73
C THR A 37 -14.12 16.67 -8.57
N LEU A 38 -13.04 16.26 -9.24
CA LEU A 38 -13.07 14.99 -9.95
C LEU A 38 -13.26 13.80 -9.00
N SER A 39 -12.62 13.77 -7.83
CA SER A 39 -12.74 12.63 -6.94
C SER A 39 -14.16 12.56 -6.42
N GLU A 40 -14.82 13.70 -6.17
CA GLU A 40 -16.22 13.75 -5.78
C GLU A 40 -17.06 13.23 -6.92
N LYS A 41 -16.82 13.60 -8.17
CA LYS A 41 -17.62 13.00 -9.25
C LYS A 41 -17.53 11.49 -9.29
N ILE A 42 -16.32 10.90 -9.27
CA ILE A 42 -16.24 9.44 -9.34
C ILE A 42 -16.70 8.75 -8.05
N VAL A 43 -16.39 9.27 -6.88
CA VAL A 43 -16.80 8.64 -5.64
C VAL A 43 -18.32 8.79 -5.46
N TYR A 44 -18.88 10.02 -5.54
CA TYR A 44 -20.32 10.17 -5.33
C TYR A 44 -21.04 9.53 -6.49
N GLY A 45 -20.45 9.47 -7.69
CA GLY A 45 -21.08 8.78 -8.83
C GLY A 45 -21.22 7.28 -8.55
N HIS A 46 -20.58 6.71 -7.53
CA HIS A 46 -20.69 5.27 -7.24
C HIS A 46 -21.45 5.03 -5.94
N LEU A 47 -22.21 6.01 -5.45
CA LEU A 47 -22.99 5.86 -4.22
C LEU A 47 -24.08 4.83 -4.37
N ASP A 48 -24.28 4.04 -3.33
CA ASP A 48 -25.35 3.07 -3.34
C ASP A 48 -26.70 3.80 -3.34
N ASP A 49 -26.80 4.91 -2.63
CA ASP A 49 -28.03 5.68 -2.61
C ASP A 49 -27.77 7.18 -2.76
N PRO A 50 -27.47 7.70 -3.98
CA PRO A 50 -27.15 9.09 -4.25
C PRO A 50 -28.20 10.09 -3.76
N ALA A 51 -29.45 9.68 -3.79
CA ALA A 51 -30.51 10.54 -3.34
C ALA A 51 -30.51 10.74 -1.86
N ASN A 52 -30.17 9.75 -1.03
CA ASN A 52 -30.32 9.94 0.40
C ASN A 52 -29.04 10.02 1.18
N GLN A 53 -27.93 9.60 0.61
CA GLN A 53 -26.67 9.69 1.30
C GLN A 53 -26.32 11.10 1.79
N GLU A 54 -25.93 11.23 3.07
CA GLU A 54 -25.46 12.47 3.66
C GLU A 54 -24.01 12.57 3.27
N ILE A 55 -23.64 13.74 2.78
CA ILE A 55 -22.36 13.97 2.17
C ILE A 55 -21.78 15.17 2.87
N GLU A 56 -20.79 14.99 3.76
CA GLU A 56 -20.06 16.11 4.36
C GLU A 56 -18.61 15.65 4.32
N ARG A 57 -17.70 16.40 3.71
CA ARG A 57 -16.30 15.96 3.58
C ARG A 57 -15.69 15.84 4.96
N GLY A 58 -15.10 14.70 5.24
CA GLY A 58 -14.44 14.44 6.49
C GLY A 58 -15.40 14.00 7.57
N LYS A 59 -16.71 13.84 7.34
CA LYS A 59 -17.61 13.58 8.43
C LYS A 59 -18.52 12.43 8.19
N THR A 60 -19.14 12.28 7.04
CA THR A 60 -20.09 11.18 6.90
C THR A 60 -19.42 9.95 6.34
N TYR A 61 -19.95 8.76 6.54
CA TYR A 61 -19.46 7.53 5.96
C TYR A 61 -20.36 7.29 4.76
N LEU A 62 -19.74 7.11 3.60
CA LEU A 62 -20.39 6.90 2.31
C LEU A 62 -20.52 5.41 2.09
N ARG A 63 -21.67 4.97 1.56
CA ARG A 63 -21.93 3.58 1.20
C ARG A 63 -21.81 3.52 -0.31
N LEU A 64 -20.79 2.83 -0.76
CA LEU A 64 -20.34 2.81 -2.12
C LEU A 64 -20.47 1.45 -2.75
N ARG A 65 -20.51 1.45 -4.09
CA ARG A 65 -20.54 0.24 -4.88
C ARG A 65 -19.32 0.19 -5.78
N PRO A 66 -18.19 -0.39 -5.37
CA PRO A 66 -17.04 -0.57 -6.27
C PRO A 66 -17.34 -1.41 -7.54
N ASP A 67 -16.59 -1.11 -8.61
CA ASP A 67 -16.68 -1.84 -9.84
C ASP A 67 -15.92 -3.15 -9.81
N ARG A 68 -14.75 -3.24 -9.18
CA ARG A 68 -14.02 -4.51 -9.16
C ARG A 68 -13.08 -4.60 -7.97
N VAL A 69 -12.57 -5.79 -7.66
CA VAL A 69 -11.71 -6.06 -6.49
C VAL A 69 -10.42 -6.69 -6.99
N ALA A 70 -9.24 -6.29 -6.52
CA ALA A 70 -7.98 -6.89 -6.90
C ALA A 70 -7.23 -7.25 -5.63
N MET A 71 -6.61 -8.44 -5.56
CA MET A 71 -5.91 -8.88 -4.37
C MET A 71 -4.54 -9.38 -4.77
N GLN A 72 -3.52 -9.25 -3.96
CA GLN A 72 -2.22 -9.85 -4.31
C GLN A 72 -2.02 -11.09 -3.40
N ASP A 73 -1.10 -12.02 -3.63
CA ASP A 73 -1.06 -13.26 -2.87
C ASP A 73 -0.62 -13.17 -1.41
N ALA A 74 -0.07 -12.07 -0.89
CA ALA A 74 0.20 -11.98 0.53
C ALA A 74 -1.02 -11.55 1.31
N THR A 75 -2.05 -10.93 0.72
CA THR A 75 -3.26 -10.54 1.44
C THR A 75 -4.45 -11.34 0.96
N ALA A 76 -4.40 -11.94 -0.23
CA ALA A 76 -5.51 -12.70 -0.76
C ALA A 76 -5.75 -13.93 0.07
N GLN A 77 -4.71 -14.49 0.70
CA GLN A 77 -4.94 -15.72 1.47
C GLN A 77 -5.88 -15.51 2.64
N MET A 78 -5.70 -14.41 3.38
CA MET A 78 -6.55 -14.19 4.53
C MET A 78 -7.88 -13.60 4.08
N ALA A 79 -7.93 -12.81 2.99
CA ALA A 79 -9.22 -12.35 2.46
C ALA A 79 -10.03 -13.58 2.01
N MET A 80 -9.45 -14.56 1.32
CA MET A 80 -10.18 -15.75 0.90
C MET A 80 -10.51 -16.68 2.06
N LEU A 81 -9.69 -16.83 3.12
CA LEU A 81 -10.08 -17.61 4.29
C LEU A 81 -11.25 -16.94 4.98
N GLN A 82 -11.35 -15.59 5.08
CA GLN A 82 -12.54 -14.96 5.62
C GLN A 82 -13.74 -15.14 4.69
N PHE A 83 -13.54 -15.13 3.35
CA PHE A 83 -14.61 -15.33 2.38
C PHE A 83 -15.15 -16.74 2.47
N ILE A 84 -14.24 -17.71 2.61
CA ILE A 84 -14.62 -19.09 2.85
C ILE A 84 -15.41 -19.12 4.15
N SER A 85 -15.08 -18.52 5.33
CA SER A 85 -15.97 -18.52 6.48
C SER A 85 -17.36 -17.97 6.20
N SER A 86 -17.55 -17.01 5.29
CA SER A 86 -18.83 -16.38 5.08
C SER A 86 -19.79 -17.43 4.54
N GLY A 87 -19.30 -18.40 3.78
CA GLY A 87 -20.14 -19.44 3.26
C GLY A 87 -20.74 -18.99 1.95
N LEU A 88 -20.51 -17.76 1.45
CA LEU A 88 -21.08 -17.35 0.16
C LEU A 88 -20.49 -18.10 -1.02
N PRO A 89 -21.22 -18.47 -2.06
CA PRO A 89 -20.76 -19.35 -3.10
C PRO A 89 -19.93 -18.76 -4.22
N LYS A 90 -19.96 -17.45 -4.44
CA LYS A 90 -19.37 -16.82 -5.61
C LYS A 90 -19.15 -15.35 -5.28
N VAL A 91 -18.13 -14.72 -5.86
CA VAL A 91 -17.90 -13.29 -5.66
C VAL A 91 -18.91 -12.49 -6.46
N ALA A 92 -19.38 -11.35 -6.00
CA ALA A 92 -20.40 -10.57 -6.66
C ALA A 92 -19.88 -9.59 -7.70
N VAL A 93 -18.59 -9.18 -7.73
CA VAL A 93 -18.09 -8.23 -8.74
C VAL A 93 -16.87 -8.87 -9.39
N PRO A 94 -16.36 -8.46 -10.56
CA PRO A 94 -15.07 -8.92 -11.10
C PRO A 94 -13.95 -8.78 -10.05
N SER A 95 -13.19 -9.86 -9.81
CA SER A 95 -12.17 -9.94 -8.78
C SER A 95 -10.95 -10.65 -9.32
N THR A 96 -9.73 -10.29 -8.95
CA THR A 96 -8.54 -10.99 -9.41
C THR A 96 -7.57 -11.20 -8.24
N ILE A 97 -6.76 -12.24 -8.38
CA ILE A 97 -5.66 -12.50 -7.47
C ILE A 97 -4.39 -12.38 -8.32
N HIS A 98 -3.37 -11.73 -7.78
CA HIS A 98 -2.11 -11.49 -8.46
C HIS A 98 -0.99 -12.12 -7.64
N CYS A 99 -0.19 -13.00 -8.19
CA CYS A 99 0.85 -13.63 -7.40
C CYS A 99 2.18 -12.96 -7.58
N ASP A 100 2.51 -11.98 -6.75
CA ASP A 100 3.70 -11.16 -6.88
C ASP A 100 4.57 -11.03 -5.63
N HIS A 101 4.10 -11.45 -4.47
CA HIS A 101 4.81 -11.20 -3.21
C HIS A 101 5.69 -12.32 -2.69
N LEU A 102 5.57 -13.54 -3.21
CA LEU A 102 6.28 -14.62 -2.57
C LEU A 102 7.47 -15.11 -3.38
N ILE A 103 7.99 -14.31 -4.29
CA ILE A 103 9.11 -14.70 -5.13
C ILE A 103 10.31 -13.93 -4.57
N GLU A 104 11.20 -14.70 -3.92
CA GLU A 104 12.40 -14.19 -3.30
C GLU A 104 13.53 -13.96 -4.29
N ALA A 105 14.12 -12.77 -4.22
CA ALA A 105 15.29 -12.45 -5.01
C ALA A 105 16.54 -13.13 -4.46
N GLN A 106 17.16 -13.92 -5.32
CA GLN A 106 18.36 -14.59 -4.93
C GLN A 106 19.27 -14.73 -6.14
N LEU A 107 18.86 -15.49 -7.14
CA LEU A 107 19.61 -15.84 -8.34
C LEU A 107 19.25 -15.02 -9.57
N GLY A 108 18.14 -14.29 -9.53
CA GLY A 108 17.65 -13.52 -10.65
C GLY A 108 16.58 -14.32 -11.40
N GLY A 109 15.84 -13.54 -12.18
CA GLY A 109 14.77 -13.95 -13.07
C GLY A 109 14.09 -15.32 -13.00
N GLU A 110 14.42 -16.12 -14.02
CA GLU A 110 13.82 -17.44 -14.24
C GLU A 110 14.11 -18.45 -13.15
N LYS A 111 15.30 -18.41 -12.57
CA LYS A 111 15.70 -19.36 -11.57
C LYS A 111 14.92 -19.01 -10.31
N ASP A 112 14.78 -17.73 -9.98
CA ASP A 112 13.99 -17.38 -8.81
C ASP A 112 12.54 -17.72 -8.98
N LEU A 113 11.99 -17.52 -10.16
CA LEU A 113 10.61 -17.88 -10.38
C LEU A 113 10.37 -19.38 -10.23
N ARG A 114 11.25 -20.21 -10.78
CA ARG A 114 11.11 -21.66 -10.72
C ARG A 114 11.16 -22.18 -9.28
N ARG A 115 12.11 -21.64 -8.52
CA ARG A 115 12.22 -21.93 -7.11
C ARG A 115 10.99 -21.47 -6.35
N ALA A 116 10.48 -20.25 -6.55
CA ALA A 116 9.29 -19.83 -5.83
C ALA A 116 8.11 -20.74 -6.12
N LYS A 117 7.98 -21.20 -7.38
CA LYS A 117 6.91 -22.11 -7.74
C LYS A 117 6.99 -23.47 -7.02
N ASP A 118 8.20 -23.92 -6.67
CA ASP A 118 8.34 -25.16 -5.93
C ASP A 118 8.04 -24.91 -4.44
N ILE A 119 8.81 -24.02 -3.83
CA ILE A 119 8.65 -23.59 -2.45
C ILE A 119 7.20 -23.19 -2.09
N ASN A 120 6.48 -22.45 -2.95
CA ASN A 120 5.19 -21.88 -2.56
C ASN A 120 4.05 -22.63 -3.19
N GLN A 121 4.26 -23.86 -3.67
CA GLN A 121 3.24 -24.66 -4.32
C GLN A 121 1.94 -24.80 -3.55
N GLU A 122 2.01 -25.03 -2.24
CA GLU A 122 0.84 -25.14 -1.39
C GLU A 122 -0.01 -23.87 -1.46
N VAL A 123 0.62 -22.71 -1.38
CA VAL A 123 -0.12 -21.47 -1.38
C VAL A 123 -0.70 -21.11 -2.74
N TYR A 124 0.09 -21.29 -3.82
CA TYR A 124 -0.37 -20.96 -5.15
C TYR A 124 -1.50 -21.88 -5.52
N ASN A 125 -1.41 -23.13 -5.07
CA ASN A 125 -2.47 -24.08 -5.32
C ASN A 125 -3.74 -23.68 -4.63
N PHE A 126 -3.64 -23.29 -3.36
CA PHE A 126 -4.77 -22.84 -2.60
C PHE A 126 -5.40 -21.66 -3.34
N LEU A 127 -4.63 -20.65 -3.72
CA LEU A 127 -5.26 -19.51 -4.36
C LEU A 127 -5.86 -19.80 -5.73
N ALA A 128 -5.22 -20.62 -6.56
CA ALA A 128 -5.79 -20.96 -7.85
C ALA A 128 -7.10 -21.74 -7.70
N THR A 129 -7.15 -22.63 -6.72
CA THR A 129 -8.32 -23.45 -6.48
C THR A 129 -9.44 -22.61 -5.89
N ALA A 130 -9.17 -21.77 -4.92
CA ALA A 130 -10.20 -20.92 -4.37
C ALA A 130 -10.66 -19.94 -5.46
N GLY A 131 -9.74 -19.53 -6.33
CA GLY A 131 -10.07 -18.65 -7.44
C GLY A 131 -11.03 -19.31 -8.42
N ALA A 132 -10.76 -20.54 -8.85
CA ALA A 132 -11.66 -21.32 -9.72
C ALA A 132 -13.06 -21.58 -9.11
N LYS A 133 -13.09 -21.89 -7.82
CA LYS A 133 -14.32 -22.16 -7.10
C LYS A 133 -15.16 -20.92 -6.94
N TYR A 134 -14.63 -19.78 -6.53
CA TYR A 134 -15.45 -18.59 -6.26
C TYR A 134 -15.60 -17.59 -7.41
N GLY A 135 -14.95 -17.89 -8.55
CA GLY A 135 -15.07 -17.11 -9.76
C GLY A 135 -14.14 -15.92 -9.72
N VAL A 136 -12.88 -16.08 -9.26
CA VAL A 136 -11.90 -15.02 -9.20
C VAL A 136 -10.82 -15.29 -10.26
N GLY A 137 -10.49 -14.35 -11.13
CA GLY A 137 -9.41 -14.51 -12.11
C GLY A 137 -8.06 -14.60 -11.39
N PHE A 138 -7.12 -15.34 -11.96
CA PHE A 138 -5.86 -15.61 -11.31
C PHE A 138 -4.67 -15.34 -12.26
N TRP A 139 -3.77 -14.44 -11.85
CA TRP A 139 -2.58 -14.12 -12.59
C TRP A 139 -1.49 -14.87 -11.85
N ARG A 140 -0.91 -15.82 -12.59
CA ARG A 140 0.06 -16.78 -12.10
C ARG A 140 1.36 -16.12 -11.66
N PRO A 141 2.20 -16.73 -10.80
CA PRO A 141 3.51 -16.19 -10.43
C PRO A 141 4.30 -15.89 -11.68
N GLY A 142 4.89 -14.71 -11.72
CA GLY A 142 5.66 -14.31 -12.89
C GLY A 142 4.88 -13.30 -13.74
N SER A 143 3.55 -13.17 -13.58
CA SER A 143 2.69 -12.26 -14.34
C SER A 143 3.13 -10.83 -14.17
N GLY A 144 3.48 -10.43 -12.96
CA GLY A 144 3.94 -9.10 -12.65
C GLY A 144 3.34 -8.62 -11.35
N ILE A 145 3.80 -7.43 -10.96
CA ILE A 145 3.33 -6.79 -9.74
C ILE A 145 1.90 -6.34 -10.00
N ILE A 146 1.06 -6.49 -8.99
CA ILE A 146 -0.35 -6.24 -9.04
C ILE A 146 -0.71 -4.93 -9.71
N HIS A 147 -0.07 -3.81 -9.34
CA HIS A 147 -0.54 -2.54 -9.82
C HIS A 147 -0.17 -2.27 -11.26
N GLN A 148 0.87 -2.94 -11.78
CA GLN A 148 1.28 -2.79 -13.18
C GLN A 148 0.30 -3.66 -13.96
N ILE A 149 -0.07 -4.88 -13.55
CA ILE A 149 -1.10 -5.63 -14.27
C ILE A 149 -2.44 -4.85 -14.27
N ILE A 150 -2.80 -4.16 -13.19
CA ILE A 150 -4.05 -3.44 -13.15
C ILE A 150 -3.98 -2.28 -14.13
N LEU A 151 -2.92 -1.49 -14.21
CA LEU A 151 -2.91 -0.34 -15.10
C LEU A 151 -3.00 -0.81 -16.53
N GLU A 152 -2.35 -1.94 -16.81
CA GLU A 152 -2.30 -2.46 -18.17
C GLU A 152 -3.57 -3.12 -18.63
N ASN A 153 -4.43 -3.59 -17.72
CA ASN A 153 -5.57 -4.41 -18.10
C ASN A 153 -6.90 -4.04 -17.55
N TYR A 154 -6.92 -3.42 -16.38
CA TYR A 154 -8.11 -3.22 -15.58
C TYR A 154 -8.53 -1.82 -15.17
N ALA A 155 -7.58 -0.90 -15.01
CA ALA A 155 -7.89 0.45 -14.62
C ALA A 155 -8.38 1.21 -15.85
N TYR A 156 -9.37 2.06 -15.69
CA TYR A 156 -9.81 2.92 -16.79
C TYR A 156 -10.40 4.18 -16.19
N PRO A 157 -10.58 5.32 -16.89
CA PRO A 157 -11.15 6.52 -16.32
C PRO A 157 -12.51 6.31 -15.62
N GLY A 158 -12.72 6.79 -14.39
CA GLY A 158 -14.03 6.69 -13.75
C GLY A 158 -14.28 5.38 -13.01
N VAL A 159 -13.37 4.40 -13.05
CA VAL A 159 -13.59 3.15 -12.30
C VAL A 159 -13.50 3.44 -10.80
N LEU A 160 -14.16 2.66 -9.95
CA LEU A 160 -13.91 2.73 -8.52
C LEU A 160 -13.42 1.32 -8.24
N LEU A 161 -12.13 1.19 -7.95
CA LEU A 161 -11.54 -0.12 -7.76
C LEU A 161 -11.02 -0.25 -6.32
N ILE A 162 -11.21 -1.35 -5.57
CA ILE A 162 -10.57 -1.43 -4.29
C ILE A 162 -9.60 -2.60 -4.39
N GLY A 163 -8.45 -2.52 -3.71
CA GLY A 163 -7.47 -3.58 -3.80
C GLY A 163 -6.97 -3.86 -2.40
N THR A 164 -6.57 -5.08 -2.08
CA THR A 164 -6.09 -5.34 -0.74
C THR A 164 -4.59 -5.03 -0.73
N ASP A 165 -4.24 -3.76 -0.86
CA ASP A 165 -2.87 -3.34 -0.91
C ASP A 165 -2.94 -1.83 -0.86
N SER A 166 -2.11 -1.19 -0.06
CA SER A 166 -2.15 0.24 0.10
C SER A 166 -1.61 0.97 -1.12
N HIS A 167 -0.95 0.36 -2.12
CA HIS A 167 -0.52 1.10 -3.30
C HIS A 167 -1.55 0.96 -4.43
N THR A 168 -2.79 0.44 -4.21
CA THR A 168 -3.86 0.45 -5.21
C THR A 168 -4.10 1.82 -5.84
N PRO A 169 -3.93 2.99 -5.17
CA PRO A 169 -3.92 4.35 -5.76
C PRO A 169 -3.10 4.56 -7.04
N ASN A 170 -2.17 3.63 -7.35
CA ASN A 170 -1.43 3.62 -8.61
C ASN A 170 -2.37 3.82 -9.81
N GLY A 171 -3.56 3.22 -9.74
CA GLY A 171 -4.57 3.27 -10.81
C GLY A 171 -5.14 4.67 -11.08
N GLY A 172 -4.84 5.65 -10.21
CA GLY A 172 -5.21 7.05 -10.36
C GLY A 172 -4.50 7.66 -11.57
N GLY A 173 -3.43 7.02 -12.04
CA GLY A 173 -2.70 7.42 -13.24
C GLY A 173 -3.56 7.22 -14.48
N LEU A 174 -4.67 6.46 -14.42
CA LEU A 174 -5.61 6.32 -15.53
C LEU A 174 -7.02 6.87 -15.15
N GLY A 175 -7.06 7.81 -14.22
CA GLY A 175 -8.26 8.59 -13.94
C GLY A 175 -9.33 7.88 -13.17
N GLY A 176 -9.00 6.77 -12.55
CA GLY A 176 -9.95 6.02 -11.75
C GLY A 176 -9.70 6.32 -10.27
N ILE A 177 -10.67 6.03 -9.42
CA ILE A 177 -10.48 6.14 -7.97
C ILE A 177 -10.20 4.71 -7.48
N CYS A 178 -8.97 4.47 -6.99
CA CYS A 178 -8.50 3.14 -6.67
C CYS A 178 -8.03 3.23 -5.23
N ILE A 179 -8.63 2.43 -4.33
CA ILE A 179 -8.43 2.60 -2.89
C ILE A 179 -7.99 1.31 -2.23
N GLY A 180 -6.96 1.44 -1.39
CA GLY A 180 -6.43 0.32 -0.64
C GLY A 180 -7.29 0.03 0.58
N VAL A 181 -7.56 -1.25 0.82
CA VAL A 181 -8.34 -1.73 1.96
C VAL A 181 -7.72 -3.02 2.53
N GLY A 182 -8.19 -3.41 3.72
CA GLY A 182 -7.84 -4.67 4.35
C GLY A 182 -8.69 -5.77 3.72
N GLY A 183 -8.27 -7.04 3.85
CA GLY A 183 -8.98 -8.20 3.30
C GLY A 183 -10.45 -8.23 3.71
N ALA A 184 -10.83 -7.85 4.94
CA ALA A 184 -12.24 -7.89 5.35
C ALA A 184 -13.09 -6.88 4.60
N ASP A 185 -12.55 -5.74 4.17
CA ASP A 185 -13.32 -4.83 3.34
C ASP A 185 -13.56 -5.40 1.96
N ALA A 186 -12.60 -6.14 1.40
CA ALA A 186 -12.79 -6.75 0.08
C ALA A 186 -13.86 -7.85 0.14
N VAL A 187 -13.94 -8.55 1.28
CA VAL A 187 -14.99 -9.56 1.56
C VAL A 187 -16.36 -8.89 1.46
N ASP A 188 -16.57 -7.71 2.06
CA ASP A 188 -17.84 -7.01 1.88
C ASP A 188 -18.23 -6.83 0.42
N VAL A 189 -17.32 -6.36 -0.39
CA VAL A 189 -17.64 -6.10 -1.79
C VAL A 189 -17.79 -7.39 -2.58
N MET A 190 -16.98 -8.42 -2.33
CA MET A 190 -17.13 -9.68 -3.02
C MET A 190 -18.42 -10.33 -2.57
N ALA A 191 -18.87 -10.05 -1.35
CA ALA A 191 -20.10 -10.57 -0.82
C ALA A 191 -21.28 -9.78 -1.37
N GLY A 192 -21.10 -8.57 -1.91
CA GLY A 192 -22.22 -7.81 -2.45
C GLY A 192 -22.82 -6.82 -1.46
N ILE A 193 -22.24 -6.62 -0.29
CA ILE A 193 -22.84 -5.67 0.61
C ILE A 193 -22.12 -4.31 0.42
N PRO A 194 -22.78 -3.15 0.62
CA PRO A 194 -22.20 -1.83 0.37
C PRO A 194 -20.88 -1.63 1.11
N TRP A 195 -19.86 -1.00 0.52
CA TRP A 195 -18.59 -0.77 1.20
C TRP A 195 -18.62 0.61 1.86
N GLU A 196 -18.18 0.85 3.09
CA GLU A 196 -18.29 2.17 3.65
C GLU A 196 -16.95 2.87 3.69
N LEU A 197 -16.91 4.16 3.43
CA LEU A 197 -15.68 4.90 3.44
C LEU A 197 -16.00 6.27 3.97
N LYS A 198 -15.23 6.75 4.92
CA LYS A 198 -15.39 8.10 5.41
C LYS A 198 -15.14 9.03 4.24
N CYS A 199 -16.10 9.94 4.07
CA CYS A 199 -16.09 10.93 3.01
C CYS A 199 -14.81 11.74 3.04
N PRO A 200 -13.99 11.73 1.98
CA PRO A 200 -12.72 12.40 2.04
C PRO A 200 -12.71 13.92 1.89
N LYS A 201 -11.72 14.55 2.52
CA LYS A 201 -11.41 15.93 2.22
C LYS A 201 -10.68 15.87 0.86
N VAL A 202 -10.47 16.94 0.11
CA VAL A 202 -9.77 16.86 -1.17
C VAL A 202 -8.64 17.86 -1.12
N ILE A 203 -7.42 17.40 -1.28
CA ILE A 203 -6.27 18.31 -1.34
C ILE A 203 -6.01 18.49 -2.84
N GLY A 204 -5.91 19.69 -3.36
CA GLY A 204 -5.61 19.87 -4.78
C GLY A 204 -4.13 20.17 -4.92
N VAL A 205 -3.48 19.59 -5.91
CA VAL A 205 -2.08 19.91 -6.17
C VAL A 205 -2.05 20.40 -7.61
N LYS A 206 -1.75 21.69 -7.76
CA LYS A 206 -1.70 22.30 -9.07
C LYS A 206 -0.27 22.25 -9.61
N LEU A 207 -0.11 21.56 -10.73
CA LEU A 207 1.15 21.40 -11.39
C LEU A 207 1.19 22.41 -12.50
N THR A 208 2.31 23.12 -12.49
CA THR A 208 2.61 24.19 -13.41
C THR A 208 3.89 23.84 -14.16
N GLY A 209 4.22 24.48 -15.29
CA GLY A 209 5.51 24.28 -15.97
C GLY A 209 5.58 22.92 -16.63
N SER A 210 6.75 22.33 -16.74
CA SER A 210 6.86 20.99 -17.28
C SER A 210 8.16 20.37 -16.80
N LEU A 211 8.16 19.06 -16.69
CA LEU A 211 9.35 18.35 -16.25
C LEU A 211 10.42 18.49 -17.32
N SER A 212 11.64 18.77 -16.86
CA SER A 212 12.78 18.84 -17.75
C SER A 212 14.00 18.09 -17.17
N GLY A 213 14.73 17.46 -18.10
CA GLY A 213 16.02 16.90 -17.75
C GLY A 213 15.96 15.68 -16.86
N TRP A 214 16.72 15.81 -15.79
CA TRP A 214 16.80 14.73 -14.81
C TRP A 214 15.56 14.63 -13.93
N THR A 215 14.74 15.68 -13.80
CA THR A 215 13.56 15.60 -12.95
C THR A 215 12.51 14.66 -13.60
N SER A 216 11.90 13.82 -12.80
CA SER A 216 10.99 12.82 -13.32
C SER A 216 9.71 12.88 -12.50
N PRO A 217 8.67 12.12 -12.86
CA PRO A 217 7.47 12.04 -12.06
C PRO A 217 7.71 11.67 -10.60
N LYS A 218 8.63 10.77 -10.30
CA LYS A 218 8.92 10.44 -8.90
C LYS A 218 9.25 11.65 -8.01
N ASP A 219 9.93 12.68 -8.54
CA ASP A 219 10.34 13.85 -7.78
C ASP A 219 9.15 14.66 -7.35
N VAL A 220 8.06 14.65 -8.13
CA VAL A 220 6.86 15.38 -7.74
C VAL A 220 6.34 14.79 -6.45
N ILE A 221 6.13 13.47 -6.35
CA ILE A 221 5.62 12.92 -5.10
C ILE A 221 6.71 12.87 -4.02
N LEU A 222 8.02 12.79 -4.29
CA LEU A 222 9.00 12.88 -3.22
C LEU A 222 8.94 14.27 -2.60
N LYS A 223 8.66 15.32 -3.39
CA LYS A 223 8.52 16.67 -2.88
C LYS A 223 7.22 16.86 -2.11
N VAL A 224 6.07 16.43 -2.65
CA VAL A 224 4.80 16.48 -1.95
C VAL A 224 4.95 15.76 -0.61
N ALA A 225 5.54 14.56 -0.50
CA ALA A 225 5.75 13.87 0.78
C ALA A 225 6.58 14.70 1.76
N GLY A 226 7.67 15.34 1.35
CA GLY A 226 8.42 16.18 2.25
C GLY A 226 7.56 17.35 2.72
N ILE A 227 6.65 17.90 1.89
CA ILE A 227 5.81 19.03 2.23
C ILE A 227 4.71 18.64 3.22
N LEU A 228 3.98 17.58 2.89
CA LEU A 228 2.83 17.17 3.65
C LEU A 228 3.10 16.30 4.85
N THR A 229 4.24 15.61 4.84
CA THR A 229 4.74 14.67 5.82
C THR A 229 3.96 13.35 5.68
N VAL A 230 4.37 12.24 6.31
CA VAL A 230 3.67 10.99 6.19
C VAL A 230 2.28 11.00 6.78
N LYS A 231 1.87 11.97 7.58
CA LYS A 231 0.50 11.95 8.05
C LYS A 231 -0.31 13.10 7.46
N GLY A 232 0.24 13.91 6.56
CA GLY A 232 -0.47 15.10 6.10
C GLY A 232 -1.61 14.80 5.15
N GLY A 233 -1.71 13.65 4.49
CA GLY A 233 -2.81 13.39 3.57
C GLY A 233 -3.88 12.54 4.22
N THR A 234 -3.76 12.20 5.51
CA THR A 234 -4.72 11.32 6.17
C THR A 234 -6.16 11.83 5.98
N GLY A 235 -7.08 10.97 5.54
CA GLY A 235 -8.48 11.33 5.38
C GLY A 235 -8.81 12.18 4.14
N ALA A 236 -7.85 12.37 3.22
CA ALA A 236 -8.03 13.15 2.03
C ALA A 236 -7.70 12.41 0.74
N ILE A 237 -8.33 12.78 -0.39
CA ILE A 237 -7.91 12.33 -1.71
C ILE A 237 -7.06 13.46 -2.30
N VAL A 238 -5.96 13.13 -2.98
CA VAL A 238 -5.10 14.16 -3.57
C VAL A 238 -5.49 14.20 -5.06
N GLU A 239 -5.87 15.39 -5.51
CA GLU A 239 -6.33 15.59 -6.87
C GLU A 239 -5.36 16.53 -7.60
N TYR A 240 -4.67 15.94 -8.58
CA TYR A 240 -3.68 16.67 -9.33
C TYR A 240 -4.36 17.36 -10.51
N HIS A 241 -3.98 18.60 -10.79
CA HIS A 241 -4.61 19.33 -11.88
C HIS A 241 -3.64 20.42 -12.32
N GLY A 242 -3.92 21.19 -13.36
CA GLY A 242 -3.04 22.26 -13.77
C GLY A 242 -2.42 21.97 -15.14
N PRO A 243 -1.86 22.99 -15.80
CA PRO A 243 -1.27 22.83 -17.13
C PRO A 243 -0.07 21.90 -17.18
N GLY A 244 0.60 21.73 -16.05
CA GLY A 244 1.76 20.88 -15.96
C GLY A 244 1.39 19.41 -16.13
N VAL A 245 0.13 19.02 -15.88
CA VAL A 245 -0.29 17.63 -16.01
C VAL A 245 0.01 17.02 -17.38
N ASP A 246 -0.16 17.77 -18.46
CA ASP A 246 0.00 17.21 -19.78
C ASP A 246 1.44 16.93 -20.12
N SER A 247 2.36 17.38 -19.30
CA SER A 247 3.77 17.09 -19.44
C SER A 247 4.09 15.70 -18.90
N ILE A 248 3.18 14.96 -18.25
CA ILE A 248 3.54 13.72 -17.56
C ILE A 248 2.98 12.50 -18.29
N SER A 249 3.70 11.39 -18.47
CA SER A 249 3.18 10.20 -19.14
C SER A 249 2.13 9.57 -18.25
N CYS A 250 1.33 8.67 -18.79
CA CYS A 250 0.38 7.93 -17.99
C CYS A 250 1.08 7.10 -16.90
N THR A 251 2.18 6.36 -17.14
CA THR A 251 2.86 5.64 -16.07
C THR A 251 3.53 6.60 -15.11
N GLY A 252 3.88 7.80 -15.58
CA GLY A 252 4.39 8.83 -14.73
C GLY A 252 3.30 9.28 -13.76
N MET A 253 2.05 9.43 -14.19
CA MET A 253 0.98 9.85 -13.32
C MET A 253 0.69 8.77 -12.32
N ALA A 254 0.76 7.50 -12.74
CA ALA A 254 0.57 6.36 -11.85
C ALA A 254 1.65 6.37 -10.78
N THR A 255 2.91 6.65 -11.10
CA THR A 255 3.99 6.79 -10.11
C THR A 255 3.61 7.82 -9.04
N ILE A 256 3.11 9.00 -9.41
CA ILE A 256 2.77 10.05 -8.43
C ILE A 256 1.58 9.63 -7.55
N CYS A 257 0.52 9.07 -8.15
CA CYS A 257 -0.63 8.59 -7.42
C CYS A 257 -0.23 7.46 -6.47
N ASN A 258 0.61 6.52 -6.93
CA ASN A 258 1.07 5.39 -6.13
C ASN A 258 1.60 5.83 -4.76
N MET A 259 2.59 6.74 -4.79
CA MET A 259 3.27 7.05 -3.54
C MET A 259 2.54 8.06 -2.66
N GLY A 260 1.34 8.45 -3.09
CA GLY A 260 0.43 9.24 -2.25
C GLY A 260 0.07 8.42 -1.03
N ALA A 261 0.27 7.11 -1.12
CA ALA A 261 0.12 6.24 0.04
C ALA A 261 1.04 6.61 1.21
N GLU A 262 2.25 7.14 0.95
CA GLU A 262 3.16 7.45 2.04
C GLU A 262 2.86 8.74 2.81
N ILE A 263 1.84 9.49 2.36
CA ILE A 263 1.39 10.65 3.14
C ILE A 263 0.04 10.26 3.76
N GLY A 264 -0.42 9.01 3.65
CA GLY A 264 -1.64 8.56 4.31
C GLY A 264 -2.92 8.93 3.59
N ALA A 265 -2.81 9.41 2.35
CA ALA A 265 -3.96 9.82 1.59
C ALA A 265 -4.91 8.66 1.36
N THR A 266 -6.22 8.86 1.26
CA THR A 266 -7.12 7.77 0.86
C THR A 266 -6.84 7.25 -0.56
N THR A 267 -6.51 8.13 -1.53
CA THR A 267 -6.05 7.79 -2.88
C THR A 267 -5.67 9.10 -3.55
N SER A 268 -5.26 9.09 -4.82
CA SER A 268 -4.85 10.25 -5.59
C SER A 268 -5.41 10.04 -6.99
N VAL A 269 -5.67 11.09 -7.76
CA VAL A 269 -6.20 10.89 -9.09
C VAL A 269 -5.76 12.07 -9.97
N PHE A 270 -5.67 11.79 -11.28
CA PHE A 270 -5.40 12.76 -12.33
C PHE A 270 -6.61 12.79 -13.26
N PRO A 271 -6.96 13.91 -13.93
CA PRO A 271 -8.06 14.01 -14.90
C PRO A 271 -7.77 13.32 -16.22
N TYR A 272 -8.83 12.78 -16.81
CA TYR A 272 -8.69 12.12 -18.08
C TYR A 272 -8.12 13.10 -19.09
N ASN A 273 -7.10 12.68 -19.83
CA ASN A 273 -6.43 13.52 -20.79
C ASN A 273 -5.86 12.62 -21.87
N HIS A 274 -5.25 13.29 -22.84
CA HIS A 274 -4.71 12.64 -24.01
C HIS A 274 -3.59 11.67 -23.70
N ARG A 275 -2.80 11.78 -22.62
CA ARG A 275 -1.73 10.80 -22.34
C ARG A 275 -2.37 9.49 -21.91
N MET A 276 -3.50 9.56 -21.20
CA MET A 276 -4.22 8.40 -20.77
C MET A 276 -4.83 7.74 -21.98
N LYS A 277 -5.41 8.52 -22.87
CA LYS A 277 -5.99 7.98 -24.08
C LYS A 277 -5.01 7.19 -24.90
N LYS A 278 -3.80 7.73 -25.00
CA LYS A 278 -2.73 7.11 -25.76
C LYS A 278 -2.35 5.79 -25.08
N TYR A 279 -2.25 5.79 -23.76
CA TYR A 279 -1.91 4.54 -23.07
C TYR A 279 -3.02 3.50 -23.24
N LEU A 280 -4.31 3.87 -23.16
CA LEU A 280 -5.43 2.95 -23.38
C LEU A 280 -5.33 2.39 -24.78
N SER A 281 -5.10 3.20 -25.81
CA SER A 281 -4.96 2.66 -27.17
C SER A 281 -3.78 1.72 -27.32
N LYS A 282 -2.61 2.03 -26.76
CA LYS A 282 -1.47 1.17 -26.85
C LYS A 282 -1.71 -0.11 -26.03
N THR A 283 -2.60 -0.17 -25.04
CA THR A 283 -2.84 -1.41 -24.35
C THR A 283 -4.09 -2.11 -24.82
N GLY A 284 -4.45 -1.93 -26.08
CA GLY A 284 -5.58 -2.61 -26.69
C GLY A 284 -6.95 -2.14 -26.22
N ARG A 285 -7.12 -0.93 -25.69
CA ARG A 285 -8.39 -0.50 -25.14
C ARG A 285 -8.81 0.85 -25.75
N ALA A 286 -8.65 0.95 -27.07
CA ALA A 286 -9.08 2.13 -27.83
C ALA A 286 -10.60 2.36 -27.72
N ASP A 287 -11.45 1.33 -27.68
CA ASP A 287 -12.89 1.45 -27.46
C ASP A 287 -13.20 2.11 -26.14
N ILE A 288 -12.49 1.76 -25.06
CA ILE A 288 -12.64 2.40 -23.73
C ILE A 288 -12.17 3.86 -23.84
N ALA A 289 -11.05 4.22 -24.49
CA ALA A 289 -10.67 5.62 -24.66
C ALA A 289 -11.73 6.39 -25.44
N ASN A 290 -12.33 5.77 -26.45
CA ASN A 290 -13.37 6.41 -27.26
C ASN A 290 -14.61 6.67 -26.47
N LEU A 291 -15.04 5.71 -25.64
CA LEU A 291 -16.19 5.90 -24.75
C LEU A 291 -15.91 6.98 -23.72
N ALA A 292 -14.72 6.99 -23.12
CA ALA A 292 -14.31 8.00 -22.16
C ALA A 292 -14.31 9.35 -22.84
N ASP A 293 -13.92 9.48 -24.11
CA ASP A 293 -14.05 10.75 -24.84
C ASP A 293 -15.50 11.25 -24.87
N GLU A 294 -16.48 10.38 -25.08
CA GLU A 294 -17.87 10.78 -25.05
C GLU A 294 -18.35 11.18 -23.66
N PHE A 295 -17.78 10.62 -22.58
CA PHE A 295 -18.18 11.00 -21.23
C PHE A 295 -17.23 11.90 -20.48
N LYS A 296 -16.34 12.54 -21.24
CA LYS A 296 -15.26 13.39 -20.79
C LYS A 296 -15.62 14.40 -19.73
N ASP A 297 -16.83 14.96 -19.79
CA ASP A 297 -17.24 15.96 -18.82
C ASP A 297 -17.26 15.48 -17.39
N HIS A 298 -17.60 14.21 -17.25
CA HIS A 298 -17.66 13.57 -15.93
C HIS A 298 -16.30 13.04 -15.45
N LEU A 299 -15.25 13.15 -16.27
CA LEU A 299 -13.95 12.55 -16.01
C LEU A 299 -12.85 13.59 -15.78
N VAL A 300 -13.25 14.87 -15.65
CA VAL A 300 -12.37 15.99 -15.31
C VAL A 300 -13.07 16.76 -14.19
N PRO A 301 -12.42 17.59 -13.37
CA PRO A 301 -13.11 18.35 -12.33
C PRO A 301 -14.02 19.44 -12.88
N ASP A 302 -15.01 19.83 -12.10
CA ASP A 302 -15.86 20.94 -12.47
C ASP A 302 -15.08 22.22 -12.30
N SER A 303 -15.51 23.18 -13.09
CA SER A 303 -14.88 24.46 -13.11
C SER A 303 -15.19 25.10 -11.77
N GLY A 304 -14.15 25.59 -11.12
CA GLY A 304 -14.29 26.26 -9.83
C GLY A 304 -14.54 25.32 -8.66
N CYS A 305 -14.13 24.06 -8.67
CA CYS A 305 -14.37 23.21 -7.51
C CYS A 305 -13.47 23.59 -6.32
N HIS A 306 -13.91 23.40 -5.07
CA HIS A 306 -13.13 23.81 -3.88
C HIS A 306 -12.29 22.68 -3.30
N TYR A 307 -10.99 22.90 -3.25
CA TYR A 307 -10.06 21.99 -2.60
C TYR A 307 -9.90 22.40 -1.15
N ASP A 308 -9.83 21.50 -0.18
CA ASP A 308 -9.70 21.87 1.23
C ASP A 308 -8.32 22.43 1.52
N GLN A 309 -7.35 22.05 0.67
CA GLN A 309 -6.00 22.55 0.81
C GLN A 309 -5.48 22.63 -0.60
N LEU A 310 -4.69 23.61 -1.00
CA LEU A 310 -4.17 23.68 -2.36
C LEU A 310 -2.68 23.85 -2.24
N ILE A 311 -1.95 23.10 -3.04
CA ILE A 311 -0.50 23.12 -3.07
C ILE A 311 -0.17 23.34 -4.54
N GLU A 312 0.82 24.18 -4.89
CA GLU A 312 1.18 24.41 -6.28
C GLU A 312 2.61 23.97 -6.45
N ILE A 313 2.92 23.22 -7.48
CA ILE A 313 4.28 22.79 -7.72
C ILE A 313 4.61 23.14 -9.16
N ASN A 314 5.66 23.94 -9.26
CA ASN A 314 6.22 24.32 -10.53
C ASN A 314 7.20 23.25 -10.94
N LEU A 315 6.78 22.45 -11.91
CA LEU A 315 7.53 21.35 -12.44
C LEU A 315 8.84 21.79 -13.02
N SER A 316 8.88 22.99 -13.61
CA SER A 316 10.09 23.53 -14.22
C SER A 316 11.20 23.84 -13.21
N GLU A 317 10.88 24.23 -11.97
CA GLU A 317 11.89 24.47 -10.96
C GLU A 317 12.18 23.24 -10.10
N LEU A 318 11.45 22.14 -10.26
CA LEU A 318 11.69 20.95 -9.46
C LEU A 318 13.03 20.29 -9.80
N LYS A 319 13.75 19.86 -8.77
CA LYS A 319 15.03 19.22 -8.90
C LYS A 319 14.94 17.77 -8.48
N PRO A 320 15.78 16.87 -8.92
CA PRO A 320 15.85 15.50 -8.40
C PRO A 320 15.90 15.41 -6.86
N HIS A 321 15.14 14.52 -6.24
CA HIS A 321 15.11 14.33 -4.80
C HIS A 321 15.44 12.91 -4.45
N ILE A 322 15.80 12.66 -3.19
CA ILE A 322 16.09 11.35 -2.65
C ILE A 322 15.64 11.48 -1.19
N ASN A 323 14.78 10.55 -0.78
CA ASN A 323 14.16 10.66 0.53
C ASN A 323 14.54 9.56 1.50
N GLY A 324 14.75 9.90 2.77
CA GLY A 324 15.12 8.92 3.78
C GLY A 324 16.34 9.36 4.59
N PRO A 325 16.95 8.62 5.50
CA PRO A 325 16.83 7.21 5.64
C PRO A 325 15.69 6.55 6.36
N PHE A 326 14.82 6.89 7.31
CA PHE A 326 13.95 5.75 7.76
C PHE A 326 12.45 5.96 7.60
N THR A 327 12.18 7.10 6.96
CA THR A 327 10.87 7.64 6.65
C THR A 327 10.98 8.09 5.19
N PRO A 328 9.89 7.95 4.39
CA PRO A 328 9.87 8.45 3.03
C PRO A 328 9.58 9.96 2.94
N ASP A 329 9.35 10.70 4.04
CA ASP A 329 9.10 12.12 3.95
C ASP A 329 10.28 12.95 4.41
N LEU A 330 11.47 12.37 4.64
CA LEU A 330 12.67 13.14 4.96
C LEU A 330 13.21 13.44 3.57
N ALA A 331 12.88 14.59 2.98
CA ALA A 331 13.21 14.82 1.58
C ALA A 331 14.47 15.59 1.34
N HIS A 332 15.42 15.19 0.51
CA HIS A 332 16.64 15.98 0.27
C HIS A 332 16.75 16.15 -1.23
N PRO A 333 17.21 17.26 -1.80
CA PRO A 333 17.62 17.31 -3.19
C PRO A 333 18.83 16.41 -3.36
N VAL A 334 19.00 15.75 -4.49
CA VAL A 334 20.13 14.87 -4.72
C VAL A 334 21.45 15.66 -4.56
N ALA A 335 21.46 16.90 -5.03
CA ALA A 335 22.59 17.78 -4.85
C ALA A 335 22.99 17.98 -3.40
N GLU A 336 22.15 17.76 -2.39
CA GLU A 336 22.54 17.96 -0.99
C GLU A 336 22.65 16.70 -0.17
N VAL A 337 22.18 15.57 -0.68
CA VAL A 337 22.18 14.38 0.15
C VAL A 337 23.58 13.98 0.59
N GLY A 338 24.61 14.15 -0.24
CA GLY A 338 25.98 13.80 0.12
C GLY A 338 26.50 14.48 1.39
N SER A 339 26.12 15.72 1.59
CA SER A 339 26.55 16.50 2.74
C SER A 339 25.70 16.30 3.98
N VAL A 340 24.40 16.05 3.81
CA VAL A 340 23.55 15.77 4.96
C VAL A 340 23.95 14.42 5.50
N ALA A 341 24.22 13.44 4.62
CA ALA A 341 24.66 12.12 5.05
C ALA A 341 25.93 12.22 5.89
N GLU A 342 26.92 12.91 5.34
CA GLU A 342 28.20 13.18 5.98
C GLU A 342 28.00 13.75 7.37
N LYS A 343 27.21 14.79 7.48
CA LYS A 343 26.91 15.39 8.77
C LYS A 343 26.16 14.47 9.72
N GLU A 344 25.24 13.65 9.22
CA GLU A 344 24.38 12.84 10.05
C GLU A 344 24.94 11.47 10.38
N GLY A 345 26.03 11.06 9.75
CA GLY A 345 26.57 9.75 10.03
C GLY A 345 25.87 8.66 9.25
N TRP A 346 25.25 9.00 8.12
CA TRP A 346 24.66 7.97 7.27
C TRP A 346 25.76 7.46 6.32
N PRO A 347 25.93 6.15 6.10
CA PRO A 347 27.00 5.62 5.26
C PRO A 347 26.94 6.19 3.83
N LEU A 348 28.08 6.61 3.30
CA LEU A 348 28.09 7.24 1.99
C LEU A 348 28.23 6.27 0.85
N ASP A 349 28.85 5.10 1.01
CA ASP A 349 28.86 4.17 -0.11
C ASP A 349 27.59 3.39 -0.10
N ILE A 350 27.23 3.22 -1.37
CA ILE A 350 26.00 2.57 -1.71
C ILE A 350 26.39 1.17 -2.02
N ARG A 351 25.81 0.29 -1.24
CA ARG A 351 26.12 -1.11 -1.41
C ARG A 351 25.32 -1.69 -2.57
N VAL A 352 24.01 -1.38 -2.62
CA VAL A 352 23.12 -1.92 -3.66
C VAL A 352 22.20 -0.79 -4.14
N GLY A 353 21.98 -0.71 -5.47
CA GLY A 353 21.00 0.18 -6.08
C GLY A 353 19.90 -0.71 -6.67
N LEU A 354 18.65 -0.49 -6.31
CA LEU A 354 17.57 -1.37 -6.78
C LEU A 354 16.45 -0.65 -7.52
N ILE A 355 16.13 -0.95 -8.78
CA ILE A 355 15.05 -0.25 -9.46
C ILE A 355 13.91 -1.26 -9.57
N GLY A 356 12.69 -0.78 -9.41
CA GLY A 356 11.55 -1.65 -9.41
C GLY A 356 10.49 -1.08 -8.49
N SER A 357 9.67 -2.03 -8.04
CA SER A 357 8.46 -1.85 -7.23
C SER A 357 7.38 -1.28 -8.19
N CYS A 358 6.15 -1.35 -7.69
CA CYS A 358 4.98 -0.83 -8.38
C CYS A 358 5.09 0.68 -8.70
N THR A 359 5.88 1.38 -7.89
CA THR A 359 6.05 2.79 -8.02
C THR A 359 6.89 3.08 -9.23
N ASN A 360 7.84 2.27 -9.68
CA ASN A 360 8.72 2.71 -10.73
C ASN A 360 9.25 1.54 -11.50
N SER A 361 8.39 0.82 -12.17
CA SER A 361 8.85 -0.34 -12.93
C SER A 361 8.28 -0.39 -14.33
N SER A 362 7.87 0.79 -14.84
CA SER A 362 7.22 0.91 -16.13
C SER A 362 8.18 0.78 -17.29
N TYR A 363 7.68 0.62 -18.51
CA TYR A 363 8.53 0.67 -19.71
C TYR A 363 9.40 1.93 -19.78
N GLU A 364 8.79 3.08 -19.49
CA GLU A 364 9.51 4.35 -19.50
C GLU A 364 10.58 4.41 -18.43
N ASP A 365 10.33 3.88 -17.23
CA ASP A 365 11.33 3.84 -16.18
C ASP A 365 12.49 2.97 -16.60
N MET A 366 12.24 1.84 -17.25
CA MET A 366 13.33 0.98 -17.72
C MET A 366 14.09 1.66 -18.86
N GLY A 367 13.42 2.43 -19.73
CA GLY A 367 14.08 3.13 -20.80
C GLY A 367 14.92 4.27 -20.27
N ARG A 368 14.44 5.04 -19.29
CA ARG A 368 15.22 6.13 -18.73
C ARG A 368 16.42 5.57 -17.97
N SER A 369 16.33 4.47 -17.20
CA SER A 369 17.49 3.83 -16.60
C SER A 369 18.47 3.36 -17.68
N ALA A 370 18.01 2.71 -18.73
CA ALA A 370 18.90 2.25 -19.78
C ALA A 370 19.63 3.41 -20.44
N ALA A 371 18.98 4.58 -20.57
CA ALA A 371 19.62 5.74 -21.16
C ALA A 371 20.79 6.28 -20.33
N VAL A 372 20.79 6.13 -19.02
CA VAL A 372 21.91 6.54 -18.17
C VAL A 372 23.01 5.49 -18.35
N ALA A 373 22.60 4.24 -18.24
CA ALA A 373 23.51 3.12 -18.35
C ALA A 373 24.20 3.07 -19.68
N LYS A 374 23.60 3.34 -20.84
CA LYS A 374 24.31 3.26 -22.12
C LYS A 374 25.44 4.27 -22.19
N GLN A 375 25.32 5.40 -21.49
CA GLN A 375 26.36 6.41 -21.48
C GLN A 375 27.58 5.91 -20.71
N ALA A 376 27.33 5.21 -19.59
CA ALA A 376 28.41 4.68 -18.77
C ALA A 376 29.14 3.63 -19.58
N LEU A 377 28.37 2.77 -20.26
CA LEU A 377 28.91 1.75 -21.10
C LEU A 377 29.75 2.32 -22.22
N ALA A 378 29.32 3.41 -22.85
CA ALA A 378 30.07 4.06 -23.91
C ALA A 378 31.45 4.52 -23.42
N HIS A 379 31.64 4.71 -22.10
CA HIS A 379 32.93 5.06 -21.54
C HIS A 379 33.63 3.92 -20.82
N GLY A 380 33.21 2.69 -21.08
CA GLY A 380 33.78 1.52 -20.46
C GLY A 380 33.56 1.45 -18.96
N LEU A 381 32.48 2.01 -18.40
CA LEU A 381 32.19 1.81 -16.99
C LEU A 381 31.07 0.80 -16.79
N LYS A 382 30.99 0.25 -15.58
CA LYS A 382 29.93 -0.64 -15.12
C LYS A 382 29.70 -0.13 -13.70
N CYS A 383 28.63 -0.59 -13.07
CA CYS A 383 28.24 -0.21 -11.73
C CYS A 383 29.27 -0.51 -10.66
N LYS A 384 29.50 0.46 -9.79
CA LYS A 384 30.39 0.22 -8.68
C LYS A 384 29.51 -0.47 -7.65
N SER A 385 28.26 -0.06 -7.40
CA SER A 385 27.39 -0.77 -6.44
C SER A 385 26.83 -2.00 -7.11
N GLN A 386 26.29 -2.90 -6.32
CA GLN A 386 25.52 -4.01 -6.88
C GLN A 386 24.23 -3.40 -7.46
N PHE A 387 23.60 -3.93 -8.50
CA PHE A 387 22.48 -3.30 -9.17
C PHE A 387 21.39 -4.33 -9.53
N THR A 388 20.14 -4.19 -9.07
CA THR A 388 19.10 -5.16 -9.41
C THR A 388 17.95 -4.43 -10.14
N ILE A 389 17.22 -5.09 -11.02
CA ILE A 389 16.19 -4.45 -11.84
C ILE A 389 14.98 -5.36 -11.81
N THR A 390 13.83 -4.89 -11.35
CA THR A 390 12.59 -5.66 -11.40
C THR A 390 11.70 -5.06 -12.50
N PRO A 391 11.38 -5.71 -13.64
CA PRO A 391 10.32 -5.27 -14.55
C PRO A 391 8.96 -5.43 -13.86
N GLY A 392 8.07 -4.47 -14.11
CA GLY A 392 6.77 -4.48 -13.46
C GLY A 392 5.81 -5.58 -13.90
N SER A 393 5.94 -6.11 -15.11
CA SER A 393 5.01 -7.12 -15.58
C SER A 393 5.70 -7.92 -16.67
N GLU A 394 5.09 -9.00 -17.10
CA GLU A 394 5.63 -9.86 -18.15
C GLU A 394 5.66 -9.16 -19.48
N GLN A 395 4.64 -8.34 -19.73
CA GLN A 395 4.59 -7.51 -20.90
C GLN A 395 5.77 -6.54 -20.93
N ILE A 396 6.03 -5.82 -19.84
CA ILE A 396 7.21 -4.94 -19.80
C ILE A 396 8.51 -5.73 -19.94
N ARG A 397 8.73 -6.87 -19.23
CA ARG A 397 9.90 -7.71 -19.37
C ARG A 397 10.12 -8.10 -20.84
N ALA A 398 9.11 -8.68 -21.53
CA ALA A 398 9.20 -9.06 -22.94
C ALA A 398 9.50 -7.90 -23.88
N THR A 399 8.86 -6.77 -23.65
CA THR A 399 9.10 -5.62 -24.48
C THR A 399 10.47 -4.95 -24.19
N ILE A 400 10.98 -4.79 -22.95
CA ILE A 400 12.26 -4.14 -22.77
C ILE A 400 13.41 -5.02 -23.25
N GLU A 401 13.14 -6.32 -23.27
CA GLU A 401 14.05 -7.32 -23.79
C GLU A 401 14.16 -7.13 -25.29
N ARG A 402 12.98 -7.11 -25.92
CA ARG A 402 12.86 -6.89 -27.33
C ARG A 402 13.46 -5.56 -27.77
N ASP A 403 13.20 -4.48 -27.07
CA ASP A 403 13.68 -3.20 -27.48
C ASP A 403 15.07 -2.91 -26.99
N GLY A 404 15.77 -3.90 -26.41
CA GLY A 404 17.18 -3.73 -26.09
C GLY A 404 17.52 -3.13 -24.75
N TYR A 405 16.58 -2.70 -23.91
CA TYR A 405 16.96 -2.06 -22.65
C TYR A 405 17.51 -3.06 -21.64
N ALA A 406 16.95 -4.27 -21.61
CA ALA A 406 17.40 -5.27 -20.65
C ALA A 406 18.87 -5.63 -20.85
N GLN A 407 19.32 -5.83 -22.10
CA GLN A 407 20.72 -6.13 -22.34
C GLN A 407 21.62 -4.98 -21.91
N VAL A 408 21.27 -3.69 -22.08
CA VAL A 408 22.08 -2.56 -21.61
C VAL A 408 22.23 -2.63 -20.09
N LEU A 409 21.12 -2.92 -19.38
CA LEU A 409 21.12 -2.96 -17.94
C LEU A 409 21.93 -4.16 -17.47
N ARG A 410 21.86 -5.31 -18.14
CA ARG A 410 22.75 -6.41 -17.83
C ARG A 410 24.20 -6.00 -18.13
N ASP A 411 24.57 -5.44 -19.29
CA ASP A 411 25.95 -5.11 -19.57
C ASP A 411 26.53 -4.11 -18.58
N VAL A 412 25.81 -3.16 -17.93
CA VAL A 412 26.41 -2.29 -16.93
C VAL A 412 26.60 -3.02 -15.61
N GLY A 413 26.15 -4.25 -15.45
CA GLY A 413 26.37 -4.98 -14.22
C GLY A 413 25.09 -5.32 -13.46
N GLY A 414 23.90 -5.17 -14.06
CA GLY A 414 22.67 -5.40 -13.35
C GLY A 414 22.17 -6.83 -13.43
N ILE A 415 21.39 -7.21 -12.43
CA ILE A 415 20.75 -8.51 -12.44
C ILE A 415 19.23 -8.23 -12.53
N VAL A 416 18.64 -8.81 -13.57
CA VAL A 416 17.19 -8.69 -13.74
C VAL A 416 16.48 -9.73 -12.88
N LEU A 417 15.61 -9.26 -11.99
CA LEU A 417 14.90 -10.14 -11.08
C LEU A 417 13.54 -10.52 -11.67
N ALA A 418 12.87 -11.56 -11.13
CA ALA A 418 11.52 -11.88 -11.56
C ALA A 418 10.55 -10.67 -11.44
N ASN A 419 9.39 -10.74 -12.12
CA ASN A 419 8.45 -9.62 -12.18
C ASN A 419 7.68 -9.76 -10.88
N ALA A 420 8.17 -9.23 -9.75
CA ALA A 420 7.60 -9.48 -8.43
C ALA A 420 8.11 -8.44 -7.45
N CYS A 421 7.45 -8.21 -6.30
CA CYS A 421 7.87 -7.27 -5.28
C CYS A 421 9.31 -7.49 -4.84
N GLY A 422 9.66 -8.73 -4.50
CA GLY A 422 11.04 -9.07 -4.22
C GLY A 422 11.61 -8.22 -3.09
N PRO A 423 12.77 -7.55 -3.26
CA PRO A 423 13.41 -6.82 -2.19
C PRO A 423 12.50 -5.75 -1.60
N CYS A 424 11.48 -5.23 -2.33
CA CYS A 424 10.61 -4.24 -1.74
C CYS A 424 9.87 -4.71 -0.49
N ILE A 425 9.42 -5.95 -0.28
CA ILE A 425 8.79 -6.32 1.00
C ILE A 425 9.78 -7.27 1.73
N GLY A 426 11.08 -7.17 1.48
CA GLY A 426 12.06 -7.96 2.18
C GLY A 426 12.19 -9.34 1.62
N GLN A 427 11.72 -9.66 0.41
CA GLN A 427 11.89 -11.00 -0.18
C GLN A 427 13.20 -11.01 -0.96
N TRP A 428 14.29 -11.10 -0.21
CA TRP A 428 15.62 -10.86 -0.74
C TRP A 428 16.58 -11.67 0.08
N ASP A 429 17.28 -12.61 -0.50
CA ASP A 429 18.30 -13.34 0.23
C ASP A 429 19.61 -12.54 0.12
N ARG A 430 19.73 -11.52 0.94
CA ARG A 430 20.84 -10.58 0.95
C ARG A 430 22.03 -11.07 1.77
N LYS A 431 23.25 -11.24 1.26
CA LYS A 431 24.32 -11.77 2.09
C LYS A 431 25.57 -10.97 2.13
N ASP A 432 25.59 -9.81 1.45
CA ASP A 432 26.77 -8.94 1.45
C ASP A 432 27.03 -8.18 2.75
N ILE A 433 26.10 -8.14 3.71
CA ILE A 433 26.28 -7.41 4.96
C ILE A 433 25.95 -8.36 6.10
N LYS A 434 26.40 -8.14 7.34
CA LYS A 434 26.01 -9.00 8.45
C LYS A 434 24.78 -8.36 9.06
N LYS A 435 23.96 -9.02 9.87
CA LYS A 435 22.84 -8.28 10.44
C LYS A 435 23.41 -7.29 11.43
N GLY A 436 22.79 -6.13 11.51
CA GLY A 436 23.28 -5.08 12.37
C GLY A 436 24.45 -4.34 11.73
N GLU A 437 24.88 -4.61 10.52
CA GLU A 437 25.95 -3.82 9.92
C GLU A 437 25.31 -2.56 9.31
N LYS A 438 25.93 -1.42 9.55
CA LYS A 438 25.41 -0.15 9.11
C LYS A 438 25.81 -0.05 7.64
N ASN A 439 24.85 0.25 6.77
CA ASN A 439 25.11 0.33 5.33
C ASN A 439 24.01 1.13 4.64
N THR A 440 24.24 1.61 3.41
CA THR A 440 23.28 2.36 2.65
C THR A 440 22.87 1.64 1.37
N ILE A 441 21.55 1.54 1.08
CA ILE A 441 21.09 1.08 -0.22
C ILE A 441 20.22 2.19 -0.85
N VAL A 442 20.17 2.40 -2.17
CA VAL A 442 19.26 3.41 -2.69
C VAL A 442 18.33 2.64 -3.64
N THR A 443 17.03 2.90 -3.54
CA THR A 443 16.01 2.17 -4.30
C THR A 443 15.10 3.10 -5.07
N SER A 444 14.38 2.63 -6.08
CA SER A 444 13.36 3.48 -6.67
C SER A 444 12.02 3.02 -6.06
N TYR A 445 11.98 2.60 -4.77
CA TYR A 445 10.77 2.05 -4.16
C TYR A 445 10.00 3.19 -3.53
N ASN A 446 9.24 2.93 -2.49
CA ASN A 446 8.44 3.97 -1.88
C ASN A 446 8.55 3.97 -0.38
N ARG A 447 9.04 2.95 0.29
CA ARG A 447 9.12 2.96 1.74
C ARG A 447 10.53 2.53 2.09
N ASN A 448 10.95 2.93 3.31
CA ASN A 448 12.31 2.66 3.77
C ASN A 448 12.30 2.47 5.29
N PHE A 449 11.23 1.84 5.75
CA PHE A 449 11.05 1.56 7.14
C PHE A 449 12.09 0.56 7.62
N THR A 450 12.47 0.72 8.89
CA THR A 450 13.44 -0.14 9.60
C THR A 450 13.28 -1.62 9.34
N GLY A 451 14.35 -2.15 8.79
CA GLY A 451 14.51 -3.54 8.49
C GLY A 451 13.54 -4.08 7.46
N ARG A 452 12.79 -3.27 6.72
CA ARG A 452 11.82 -3.79 5.76
C ARG A 452 12.48 -4.42 4.52
N ASN A 453 13.65 -4.03 4.04
CA ASN A 453 14.17 -4.61 2.80
C ASN A 453 15.02 -5.84 3.01
N ASP A 454 15.64 -5.97 4.18
CA ASP A 454 16.59 -7.06 4.43
C ASP A 454 16.65 -7.52 5.88
N ALA A 455 15.68 -7.03 6.66
CA ALA A 455 15.53 -7.33 8.08
C ALA A 455 16.70 -6.86 8.91
N ASN A 456 17.51 -5.95 8.39
CA ASN A 456 18.63 -5.41 9.13
C ASN A 456 18.22 -4.03 9.58
N PRO A 457 17.98 -3.76 10.85
CA PRO A 457 17.58 -2.43 11.29
C PRO A 457 18.59 -1.33 11.05
N GLU A 458 19.84 -1.65 10.73
CA GLU A 458 20.78 -0.60 10.47
C GLU A 458 20.98 -0.31 8.99
N THR A 459 20.19 -0.89 8.08
CA THR A 459 20.29 -0.55 6.67
C THR A 459 19.60 0.79 6.53
N HIS A 460 20.27 1.74 5.89
CA HIS A 460 19.79 3.09 5.69
C HIS A 460 19.27 3.04 4.25
N ALA A 461 17.96 3.11 4.00
CA ALA A 461 17.46 3.02 2.63
C ALA A 461 16.91 4.37 2.18
N PHE A 462 17.30 4.80 0.98
CA PHE A 462 16.90 6.07 0.42
C PHE A 462 16.08 5.76 -0.83
N VAL A 463 14.91 6.39 -1.04
CA VAL A 463 14.07 6.11 -2.21
C VAL A 463 14.19 7.30 -3.17
N THR A 464 14.32 7.03 -4.47
CA THR A 464 14.49 8.04 -5.50
C THR A 464 13.94 7.52 -6.84
N SER A 465 14.20 8.16 -7.98
CA SER A 465 13.77 7.73 -9.30
C SER A 465 14.70 6.65 -9.86
N PRO A 466 14.30 5.78 -10.79
CA PRO A 466 15.16 4.77 -11.38
C PRO A 466 16.39 5.34 -12.09
N GLU A 467 16.33 6.48 -12.80
CA GLU A 467 17.48 7.08 -13.44
C GLU A 467 18.46 7.60 -12.39
N ILE A 468 18.05 8.15 -11.24
CA ILE A 468 19.01 8.57 -10.24
C ILE A 468 19.58 7.31 -9.57
N VAL A 469 18.83 6.22 -9.29
CA VAL A 469 19.42 4.97 -8.77
C VAL A 469 20.48 4.51 -9.74
N THR A 470 20.23 4.52 -11.06
CA THR A 470 21.24 4.03 -12.01
C THR A 470 22.51 4.89 -11.94
N ALA A 471 22.38 6.21 -11.87
CA ALA A 471 23.53 7.10 -11.81
C ALA A 471 24.31 6.90 -10.50
N LEU A 472 23.64 6.88 -9.35
CA LEU A 472 24.30 6.64 -8.08
C LEU A 472 24.91 5.24 -8.02
N ALA A 473 24.36 4.20 -8.65
CA ALA A 473 24.94 2.86 -8.63
C ALA A 473 26.23 2.81 -9.45
N ILE A 474 26.27 3.59 -10.52
CA ILE A 474 27.47 3.71 -11.33
C ILE A 474 28.56 4.39 -10.50
N ALA A 475 28.28 5.50 -9.80
CA ALA A 475 29.27 6.17 -8.99
C ALA A 475 29.59 5.42 -7.70
N GLY A 476 28.60 4.79 -7.11
CA GLY A 476 28.74 4.00 -5.92
C GLY A 476 28.76 4.84 -4.66
N THR A 477 28.38 6.10 -4.70
CA THR A 477 28.45 6.90 -3.51
C THR A 477 27.35 7.92 -3.60
N LEU A 478 26.80 8.20 -2.43
CA LEU A 478 25.83 9.25 -2.25
C LEU A 478 26.48 10.59 -2.54
N LYS A 479 27.82 10.73 -2.47
CA LYS A 479 28.45 12.00 -2.78
C LYS A 479 28.62 12.03 -4.30
N PHE A 480 27.54 12.16 -5.05
CA PHE A 480 27.64 12.20 -6.48
C PHE A 480 26.36 12.82 -6.93
N ASN A 481 26.46 13.98 -7.56
CA ASN A 481 25.31 14.61 -8.13
C ASN A 481 25.38 14.46 -9.65
N PRO A 482 24.50 13.69 -10.34
CA PRO A 482 24.61 13.39 -11.76
C PRO A 482 24.49 14.65 -12.60
N GLU A 483 23.79 15.66 -12.07
CA GLU A 483 23.63 16.90 -12.77
C GLU A 483 24.95 17.62 -12.87
N THR A 484 25.82 17.66 -11.86
CA THR A 484 27.03 18.46 -11.96
C THR A 484 28.40 17.76 -12.02
N ASP A 485 28.49 16.56 -11.47
CA ASP A 485 29.74 15.88 -11.36
C ASP A 485 30.16 15.01 -12.52
N PHE A 486 31.47 14.77 -12.53
CA PHE A 486 32.15 14.04 -13.58
C PHE A 486 32.55 12.62 -13.24
N LEU A 487 32.33 11.65 -14.11
CA LEU A 487 32.84 10.31 -13.93
C LEU A 487 34.15 10.24 -14.73
N THR A 488 34.96 9.21 -14.58
CA THR A 488 36.23 9.14 -15.30
C THR A 488 36.08 7.87 -16.12
N GLY A 489 36.15 7.95 -17.44
CA GLY A 489 36.02 6.78 -18.28
C GLY A 489 37.29 5.94 -18.26
N LYS A 490 37.12 4.85 -18.99
CA LYS A 490 38.17 3.87 -19.18
C LYS A 490 39.43 4.51 -19.78
N ASP A 491 39.16 5.30 -20.80
CA ASP A 491 40.11 6.04 -21.62
C ASP A 491 40.81 7.17 -20.88
N GLY A 492 40.49 7.40 -19.61
CA GLY A 492 41.10 8.48 -18.87
C GLY A 492 40.32 9.79 -18.96
N LYS A 493 39.37 10.00 -19.89
CA LYS A 493 38.66 11.28 -19.90
C LYS A 493 37.52 11.39 -18.89
N LYS A 494 37.33 12.59 -18.36
CA LYS A 494 36.22 12.87 -17.47
C LYS A 494 35.01 13.12 -18.36
N PHE A 495 33.84 12.66 -17.94
CA PHE A 495 32.67 12.88 -18.75
C PHE A 495 31.54 13.10 -17.77
N LYS A 496 30.50 13.71 -18.28
CA LYS A 496 29.35 14.03 -17.46
C LYS A 496 28.19 13.26 -18.08
N LEU A 497 27.32 12.76 -17.21
CA LEU A 497 26.07 12.15 -17.63
C LEU A 497 25.03 13.16 -18.17
N GLU A 498 24.56 12.89 -19.39
CA GLU A 498 23.47 13.59 -20.07
C GLU A 498 22.17 13.09 -19.41
N ALA A 499 21.24 14.03 -19.25
CA ALA A 499 19.93 13.72 -18.71
C ALA A 499 19.28 12.67 -19.56
N PRO A 500 18.66 11.64 -18.98
CA PRO A 500 18.13 10.51 -19.75
C PRO A 500 16.93 10.94 -20.57
N ASP A 501 16.80 10.38 -21.76
CA ASP A 501 15.63 10.64 -22.57
C ASP A 501 15.16 9.29 -23.06
N ALA A 502 13.86 9.04 -23.10
CA ALA A 502 13.38 7.74 -23.50
C ALA A 502 11.92 7.80 -23.92
N ASP A 503 11.45 6.84 -24.71
CA ASP A 503 10.05 6.82 -25.13
C ASP A 503 9.18 6.43 -23.95
N GLU A 504 8.00 7.03 -23.82
CA GLU A 504 7.15 6.67 -22.71
C GLU A 504 6.47 5.35 -22.97
N LEU A 505 6.29 4.96 -24.22
CA LEU A 505 5.62 3.73 -24.57
C LEU A 505 6.37 3.14 -25.77
N PRO A 506 6.31 1.84 -26.08
CA PRO A 506 7.04 1.25 -27.18
C PRO A 506 6.55 1.83 -28.48
N ARG A 507 7.49 2.09 -29.39
CA ARG A 507 7.14 2.60 -30.70
C ARG A 507 6.30 1.57 -31.42
N ALA A 508 6.75 0.32 -31.35
CA ALA A 508 5.98 -0.78 -31.90
C ALA A 508 4.97 -1.13 -30.82
N GLU A 509 4.19 -2.19 -30.97
CA GLU A 509 3.26 -2.50 -29.90
C GLU A 509 3.95 -3.21 -28.74
N PHE A 510 3.29 -3.40 -27.62
CA PHE A 510 3.90 -4.11 -26.52
C PHE A 510 4.00 -5.57 -26.92
N ASP A 511 5.01 -6.31 -26.48
CA ASP A 511 5.04 -7.73 -26.67
C ASP A 511 4.41 -8.25 -25.37
N PRO A 512 3.37 -9.05 -25.42
CA PRO A 512 2.70 -9.55 -24.24
C PRO A 512 3.48 -10.55 -23.44
N GLY A 513 4.49 -11.20 -23.98
CA GLY A 513 5.24 -12.19 -23.21
C GLY A 513 4.43 -13.47 -23.07
N GLN A 514 4.69 -14.30 -22.05
CA GLN A 514 3.98 -15.56 -21.88
C GLN A 514 2.63 -15.38 -21.22
N ASP A 515 1.75 -16.33 -21.54
CA ASP A 515 0.38 -16.44 -21.03
C ASP A 515 0.45 -16.57 -19.51
N THR A 516 -0.19 -15.72 -18.73
CA THR A 516 -0.10 -15.89 -17.30
C THR A 516 -1.43 -15.75 -16.63
N TYR A 517 -2.50 -15.48 -17.37
CA TYR A 517 -3.80 -15.32 -16.77
C TYR A 517 -4.57 -16.63 -16.80
N GLN A 518 -5.32 -16.92 -15.77
CA GLN A 518 -6.11 -18.13 -15.68
C GLN A 518 -7.54 -17.71 -15.35
N HIS A 519 -8.42 -17.85 -16.34
CA HIS A 519 -9.81 -17.46 -16.17
C HIS A 519 -10.56 -18.47 -15.32
N PRO A 520 -11.53 -18.13 -14.44
CA PRO A 520 -12.28 -19.12 -13.71
C PRO A 520 -13.12 -19.98 -14.65
N PRO A 521 -13.28 -21.28 -14.44
CA PRO A 521 -14.23 -22.10 -15.19
C PRO A 521 -15.55 -21.51 -14.81
N LYS A 522 -16.38 -20.98 -15.69
CA LYS A 522 -17.63 -20.44 -15.18
C LYS A 522 -18.76 -21.22 -15.83
N ASP A 523 -18.47 -22.42 -15.36
CA ASP A 523 -19.04 -23.70 -15.67
C ASP A 523 -18.53 -24.45 -14.44
N SER A 524 -17.92 -25.64 -14.53
CA SER A 524 -17.37 -26.42 -13.43
C SER A 524 -17.44 -25.93 -11.99
N SER A 525 -16.50 -25.10 -11.48
CA SER A 525 -16.45 -24.60 -10.09
C SER A 525 -16.76 -25.62 -8.97
N GLY A 526 -16.52 -26.89 -9.33
CA GLY A 526 -16.69 -28.04 -8.46
C GLY A 526 -15.35 -28.35 -7.79
N GLN A 527 -14.54 -27.30 -7.59
CA GLN A 527 -13.30 -27.37 -6.89
C GLN A 527 -13.62 -27.48 -5.40
N ARG A 528 -12.90 -28.38 -4.76
CA ARG A 528 -12.86 -28.48 -3.32
C ARG A 528 -11.57 -27.71 -2.99
N VAL A 529 -11.60 -26.78 -2.07
CA VAL A 529 -10.43 -26.08 -1.65
C VAL A 529 -9.92 -26.90 -0.47
N ASP A 530 -8.72 -27.44 -0.54
CA ASP A 530 -8.20 -28.24 0.57
C ASP A 530 -7.19 -27.43 1.37
N VAL A 531 -7.36 -27.37 2.69
CA VAL A 531 -6.39 -26.74 3.56
C VAL A 531 -6.08 -27.90 4.51
N SER A 532 -4.88 -28.46 4.46
CA SER A 532 -4.48 -29.53 5.36
C SER A 532 -4.53 -29.08 6.81
N PRO A 533 -5.12 -29.87 7.72
CA PRO A 533 -5.19 -29.51 9.13
C PRO A 533 -3.83 -29.47 9.80
N THR A 534 -2.77 -30.03 9.23
CA THR A 534 -1.44 -29.87 9.79
C THR A 534 -0.60 -28.82 9.05
N SER A 535 -1.18 -28.07 8.11
CA SER A 535 -0.42 -27.08 7.37
C SER A 535 0.13 -26.02 8.31
N GLN A 536 1.40 -25.71 8.02
CA GLN A 536 2.08 -24.60 8.64
C GLN A 536 1.86 -23.30 7.88
N ARG A 537 1.35 -23.33 6.64
CA ARG A 537 1.14 -22.10 5.88
C ARG A 537 -0.28 -21.59 5.77
N LEU A 538 -1.23 -22.49 5.93
CA LEU A 538 -2.62 -22.20 5.78
C LEU A 538 -3.40 -22.72 6.96
N GLN A 539 -4.38 -21.97 7.49
CA GLN A 539 -5.17 -22.43 8.61
C GLN A 539 -6.55 -21.80 8.50
N LEU A 540 -7.63 -22.60 8.54
CA LEU A 540 -8.98 -22.06 8.57
C LEU A 540 -9.18 -21.32 9.91
N LEU A 541 -9.97 -20.26 9.78
CA LEU A 541 -10.28 -19.40 10.88
C LEU A 541 -11.37 -19.95 11.78
N GLU A 542 -11.16 -19.70 13.07
CA GLU A 542 -12.12 -20.00 14.11
C GLU A 542 -12.63 -18.58 14.48
N PRO A 543 -13.94 -18.34 14.57
CA PRO A 543 -14.50 -17.03 14.90
C PRO A 543 -14.06 -16.50 16.23
N PHE A 544 -13.95 -15.18 16.32
CA PHE A 544 -13.61 -14.55 17.58
C PHE A 544 -14.89 -14.50 18.40
N ASP A 545 -14.67 -14.34 19.70
CA ASP A 545 -15.67 -14.22 20.73
C ASP A 545 -16.49 -12.94 20.53
N LYS A 546 -17.80 -13.05 20.79
CA LYS A 546 -18.76 -11.97 20.77
C LYS A 546 -18.41 -11.11 21.97
N TRP A 547 -18.73 -9.82 22.02
CA TRP A 547 -18.47 -9.01 23.21
C TRP A 547 -19.33 -9.54 24.36
N ASP A 548 -18.80 -9.67 25.57
CA ASP A 548 -19.53 -10.18 26.74
C ASP A 548 -20.57 -9.27 27.38
N GLY A 549 -20.71 -8.05 26.92
CA GLY A 549 -21.71 -7.14 27.46
C GLY A 549 -21.12 -6.31 28.58
N LYS A 550 -19.85 -6.50 28.95
CA LYS A 550 -19.29 -5.79 30.06
C LYS A 550 -18.26 -4.77 29.70
N ASP A 551 -17.97 -3.86 30.64
CA ASP A 551 -16.90 -2.91 30.42
C ASP A 551 -15.57 -3.67 30.50
N LEU A 552 -14.51 -3.00 30.14
CA LEU A 552 -13.23 -3.67 30.15
C LEU A 552 -12.48 -3.13 31.33
N GLU A 553 -12.41 -3.85 32.44
CA GLU A 553 -11.71 -3.33 33.58
C GLU A 553 -10.41 -4.04 33.82
N ASP A 554 -9.54 -3.22 34.40
CA ASP A 554 -8.22 -3.61 34.85
C ASP A 554 -7.39 -4.33 33.83
N LEU A 555 -7.34 -3.63 32.70
CA LEU A 555 -6.62 -4.05 31.53
C LEU A 555 -5.15 -3.83 31.77
N GLN A 556 -4.37 -4.80 31.37
CA GLN A 556 -2.93 -4.73 31.46
C GLN A 556 -2.37 -4.00 30.23
N ILE A 557 -1.38 -3.13 30.36
CA ILE A 557 -0.75 -2.54 29.18
C ILE A 557 0.26 -3.56 28.66
N LEU A 558 0.10 -4.17 27.48
CA LEU A 558 1.13 -5.07 26.95
C LEU A 558 2.38 -4.24 26.65
N ILE A 559 2.22 -3.09 25.97
CA ILE A 559 3.34 -2.25 25.59
C ILE A 559 2.80 -0.84 25.32
N LYS A 560 3.54 0.15 25.81
CA LYS A 560 3.36 1.55 25.49
C LYS A 560 4.56 1.81 24.58
N VAL A 561 4.19 2.11 23.32
CA VAL A 561 5.09 2.30 22.21
C VAL A 561 5.53 3.77 22.10
N LYS A 562 6.77 3.95 21.73
CA LYS A 562 7.33 5.26 21.58
C LYS A 562 7.50 5.54 20.10
N GLY A 563 7.07 6.68 19.57
CA GLY A 563 7.43 7.05 18.21
C GLY A 563 6.71 6.26 17.13
N LYS A 564 7.41 6.24 15.98
CA LYS A 564 6.88 5.68 14.74
C LYS A 564 6.53 4.22 14.86
N CYS A 565 5.30 3.84 14.57
CA CYS A 565 4.95 2.45 14.65
C CYS A 565 4.02 2.14 13.48
N THR A 566 4.68 1.68 12.45
CA THR A 566 4.23 1.26 11.14
C THR A 566 3.60 -0.16 11.18
N THR A 567 2.80 -0.65 10.22
CA THR A 567 2.39 -2.05 10.25
C THR A 567 3.58 -2.97 9.98
N ASP A 568 4.74 -2.50 9.48
CA ASP A 568 5.93 -3.33 9.40
C ASP A 568 6.57 -3.50 10.76
N HIS A 569 6.34 -2.59 11.73
CA HIS A 569 6.79 -2.78 13.09
C HIS A 569 5.80 -3.70 13.86
N ILE A 570 4.50 -3.61 13.53
CA ILE A 570 3.48 -4.41 14.19
C ILE A 570 3.46 -5.84 13.65
N SER A 571 3.51 -6.09 12.35
CA SER A 571 3.54 -7.41 11.79
C SER A 571 4.50 -7.36 10.60
N ALA A 572 5.75 -7.66 10.90
CA ALA A 572 6.81 -7.69 9.93
C ALA A 572 6.52 -8.53 8.69
N ALA A 573 7.17 -8.22 7.57
CA ALA A 573 6.98 -8.95 6.33
C ALA A 573 8.21 -9.81 6.08
N GLY A 574 8.91 -9.77 4.94
CA GLY A 574 10.09 -10.58 4.69
C GLY A 574 9.80 -12.05 4.95
N PRO A 575 10.52 -12.70 5.88
CA PRO A 575 10.36 -14.13 6.18
C PRO A 575 9.00 -14.55 6.73
N TRP A 576 8.30 -13.59 7.36
CA TRP A 576 6.98 -13.85 7.91
C TRP A 576 5.91 -13.97 6.81
N LEU A 577 6.19 -13.61 5.52
CA LEU A 577 5.16 -13.73 4.49
C LEU A 577 4.73 -15.19 4.27
N LYS A 578 5.63 -16.09 4.65
CA LYS A 578 5.43 -17.55 4.63
C LYS A 578 4.18 -17.99 5.39
N PHE A 579 3.82 -17.21 6.41
CA PHE A 579 2.69 -17.49 7.27
C PHE A 579 1.53 -16.53 7.04
N ARG A 580 1.39 -15.77 5.93
CA ARG A 580 0.23 -14.90 5.80
C ARG A 580 -1.13 -15.62 5.68
N GLY A 581 -1.19 -16.94 5.51
CA GLY A 581 -2.46 -17.64 5.54
C GLY A 581 -2.60 -18.41 6.86
N HIS A 582 -1.74 -18.20 7.87
CA HIS A 582 -1.77 -18.99 9.11
C HIS A 582 -1.74 -18.06 10.33
N LEU A 583 -2.89 -17.71 10.90
CA LEU A 583 -2.94 -16.76 11.98
C LEU A 583 -2.09 -17.05 13.21
N ASP A 584 -2.10 -18.29 13.71
CA ASP A 584 -1.32 -18.55 14.90
C ASP A 584 0.17 -18.48 14.65
N ASN A 585 0.63 -18.85 13.47
CA ASN A 585 2.06 -18.85 13.24
C ASN A 585 2.58 -17.46 12.98
N ILE A 586 1.85 -16.63 12.21
CA ILE A 586 2.31 -15.26 11.98
C ILE A 586 2.14 -14.44 13.25
N SER A 587 1.25 -14.77 14.23
CA SER A 587 1.15 -14.02 15.47
C SER A 587 2.44 -14.01 16.28
N ASN A 588 3.42 -14.87 15.93
CA ASN A 588 4.70 -14.85 16.62
C ASN A 588 5.54 -13.65 16.24
N ASN A 589 5.17 -12.75 15.31
CA ASN A 589 5.92 -11.52 15.09
C ASN A 589 5.26 -10.30 15.72
N LEU A 590 4.18 -10.47 16.49
CA LEU A 590 3.42 -9.36 16.97
C LEU A 590 4.26 -8.35 17.73
N LEU A 591 4.28 -7.16 17.13
CA LEU A 591 4.93 -5.96 17.64
C LEU A 591 6.40 -6.15 17.97
N ILE A 592 7.13 -7.08 17.32
CA ILE A 592 8.52 -7.27 17.67
C ILE A 592 9.39 -6.08 17.21
N GLY A 593 8.95 -5.17 16.31
CA GLY A 593 9.79 -4.05 15.93
C GLY A 593 9.42 -2.79 16.69
N ALA A 594 8.34 -2.75 17.44
CA ALA A 594 7.93 -1.52 18.09
C ALA A 594 8.87 -1.13 19.23
N ILE A 595 9.15 0.15 19.46
CA ILE A 595 10.05 0.55 20.55
C ILE A 595 9.22 0.76 21.83
N ASN A 596 9.65 0.06 22.90
CA ASN A 596 9.04 0.18 24.23
C ASN A 596 9.53 1.44 24.92
N SER A 597 8.65 2.33 25.41
CA SER A 597 9.10 3.54 26.07
C SER A 597 9.81 3.18 27.38
N GLU A 598 9.52 2.05 28.06
CA GLU A 598 10.15 1.70 29.33
C GLU A 598 11.66 1.56 29.19
N ASN A 599 12.14 0.87 28.18
CA ASN A 599 13.57 0.66 28.05
C ASN A 599 14.17 1.06 26.74
N ARG A 600 13.36 1.63 25.84
CA ARG A 600 13.79 1.97 24.49
C ARG A 600 14.24 0.78 23.64
N LYS A 601 13.75 -0.43 23.98
CA LYS A 601 14.06 -1.60 23.20
C LYS A 601 12.90 -2.10 22.39
N ALA A 602 13.28 -2.81 21.32
CA ALA A 602 12.39 -3.54 20.47
C ALA A 602 12.32 -4.98 21.00
N ASN A 603 11.12 -5.52 21.09
CA ASN A 603 10.83 -6.86 21.56
C ASN A 603 11.33 -7.22 22.96
N SER A 604 11.17 -6.27 23.88
CA SER A 604 11.54 -6.48 25.27
C SER A 604 10.59 -5.75 26.22
N VAL A 605 9.61 -6.50 26.74
CA VAL A 605 8.61 -5.94 27.65
C VAL A 605 8.60 -6.75 28.93
N ARG A 606 8.25 -6.05 30.00
CA ARG A 606 8.13 -6.61 31.31
C ARG A 606 6.86 -7.42 31.42
N ASN A 607 6.98 -8.70 31.74
CA ASN A 607 5.83 -9.53 32.05
C ASN A 607 5.43 -9.14 33.49
N ALA A 608 4.25 -8.55 33.66
CA ALA A 608 3.73 -8.10 34.94
C ALA A 608 3.64 -9.13 36.08
N VAL A 609 3.52 -10.39 35.73
CA VAL A 609 3.34 -11.47 36.66
C VAL A 609 4.69 -12.03 37.06
N THR A 610 5.59 -12.35 36.11
CA THR A 610 6.84 -12.98 36.45
C THR A 610 7.92 -11.95 36.71
N GLN A 611 7.71 -10.73 36.27
CA GLN A 611 8.67 -9.66 36.36
C GLN A 611 9.95 -9.92 35.60
N GLU A 612 9.84 -10.68 34.52
CA GLU A 612 10.96 -10.90 33.65
C GLU A 612 10.73 -10.06 32.40
N PHE A 613 11.76 -9.54 31.74
CA PHE A 613 11.57 -8.86 30.46
C PHE A 613 11.70 -9.90 29.37
N GLY A 614 10.88 -9.86 28.33
CA GLY A 614 10.90 -10.88 27.30
C GLY A 614 10.20 -10.44 26.02
N PRO A 615 10.13 -11.32 25.01
CA PRO A 615 9.48 -11.03 23.75
C PRO A 615 8.03 -10.65 23.90
N VAL A 616 7.63 -9.66 23.10
CA VAL A 616 6.23 -9.22 23.10
C VAL A 616 5.27 -10.37 22.77
N PRO A 617 5.42 -11.23 21.73
CA PRO A 617 4.44 -12.30 21.40
C PRO A 617 4.26 -13.30 22.54
N ASP A 618 5.39 -13.64 23.16
CA ASP A 618 5.41 -14.58 24.26
C ASP A 618 4.69 -14.02 25.46
N THR A 619 4.87 -12.73 25.66
CA THR A 619 4.22 -12.11 26.81
C THR A 619 2.71 -12.01 26.57
N ALA A 620 2.29 -11.66 25.34
CA ALA A 620 0.88 -11.59 25.00
C ALA A 620 0.29 -12.99 25.12
N ARG A 621 0.98 -14.03 24.66
CA ARG A 621 0.40 -15.36 24.81
C ARG A 621 0.34 -15.75 26.29
N TYR A 622 1.26 -15.35 27.17
CA TYR A 622 1.19 -15.68 28.58
C TYR A 622 -0.02 -14.99 29.17
N TYR A 623 -0.25 -13.71 28.85
CA TYR A 623 -1.40 -13.01 29.37
C TYR A 623 -2.66 -13.70 28.90
N LYS A 624 -2.78 -14.07 27.62
CA LYS A 624 -3.94 -14.75 27.11
C LYS A 624 -4.20 -16.08 27.84
N GLN A 625 -3.15 -16.88 28.06
CA GLN A 625 -3.19 -18.15 28.79
C GLN A 625 -3.76 -17.94 30.18
N HIS A 626 -3.35 -16.87 30.83
CA HIS A 626 -3.77 -16.63 32.17
C HIS A 626 -4.98 -15.73 32.29
N GLY A 627 -5.71 -15.43 31.19
CA GLY A 627 -6.90 -14.60 31.26
C GLY A 627 -6.63 -13.12 31.54
N ILE A 628 -5.45 -12.60 31.23
CA ILE A 628 -5.17 -11.18 31.41
C ILE A 628 -5.40 -10.46 30.05
N ARG A 629 -6.46 -9.67 30.00
CA ARG A 629 -6.84 -8.84 28.86
C ARG A 629 -5.93 -7.64 28.74
N TRP A 630 -5.40 -7.33 27.56
CA TRP A 630 -4.42 -6.29 27.42
C TRP A 630 -4.73 -5.25 26.35
N VAL A 631 -3.94 -4.19 26.43
CA VAL A 631 -4.08 -2.98 25.63
C VAL A 631 -2.72 -2.61 25.05
N VAL A 632 -2.67 -1.91 23.91
CA VAL A 632 -1.41 -1.30 23.44
C VAL A 632 -1.63 0.21 23.53
N ILE A 633 -0.65 1.01 24.00
CA ILE A 633 -0.76 2.48 24.04
C ILE A 633 0.19 2.95 22.93
N GLY A 634 -0.25 3.79 22.00
CA GLY A 634 0.60 4.16 20.91
C GLY A 634 0.66 5.67 20.79
N ASP A 635 1.56 6.09 19.93
CA ASP A 635 1.82 7.50 19.76
C ASP A 635 1.07 8.02 18.53
N GLU A 636 1.64 8.85 17.67
CA GLU A 636 0.97 9.42 16.51
C GLU A 636 1.04 8.54 15.28
N ASN A 637 -0.02 8.51 14.49
CA ASN A 637 -0.08 7.83 13.20
C ASN A 637 0.30 6.34 13.32
N TYR A 638 -0.32 5.75 14.32
CA TYR A 638 -0.09 4.34 14.64
C TYR A 638 -0.69 3.54 13.50
N GLY A 639 0.08 2.60 12.97
CA GLY A 639 -0.41 1.72 11.94
C GLY A 639 -0.13 2.28 10.56
N GLU A 640 0.73 3.28 10.44
CA GLU A 640 1.19 3.81 9.17
C GLU A 640 1.65 2.70 8.22
N GLY A 641 1.47 2.83 6.90
CA GLY A 641 2.04 1.88 5.98
C GLY A 641 1.00 0.97 5.32
N SER A 642 1.50 -0.26 5.14
CA SER A 642 0.79 -1.31 4.49
C SER A 642 -0.53 -1.55 5.15
N SER A 643 -1.42 -2.02 4.28
CA SER A 643 -2.80 -2.37 4.62
C SER A 643 -2.95 -3.72 5.32
N ARG A 644 -1.90 -4.55 5.43
CA ARG A 644 -2.01 -5.90 5.99
C ARG A 644 -2.88 -5.97 7.25
N GLU A 645 -4.04 -6.62 7.08
CA GLU A 645 -5.00 -6.75 8.19
C GLU A 645 -4.48 -7.66 9.30
N HIS A 646 -3.35 -8.33 9.05
CA HIS A 646 -2.67 -9.17 10.03
C HIS A 646 -2.24 -8.30 11.22
N SER A 647 -2.00 -6.99 11.05
CA SER A 647 -1.61 -6.17 12.17
C SER A 647 -2.75 -5.99 13.14
N ALA A 648 -3.98 -6.27 12.71
CA ALA A 648 -5.17 -6.18 13.57
C ALA A 648 -5.63 -7.59 14.01
N LEU A 649 -5.53 -8.59 13.12
CA LEU A 649 -5.90 -9.94 13.44
C LEU A 649 -4.98 -10.49 14.51
N GLU A 650 -3.68 -10.22 14.45
CA GLU A 650 -2.76 -10.73 15.45
C GLU A 650 -3.02 -10.21 16.85
N PRO A 651 -3.20 -8.92 17.21
CA PRO A 651 -3.54 -8.54 18.59
C PRO A 651 -4.87 -9.17 19.02
N ARG A 652 -5.87 -9.32 18.12
CA ARG A 652 -7.15 -9.89 18.49
C ARG A 652 -6.93 -11.34 18.91
N PHE A 653 -6.15 -12.04 18.13
CA PHE A 653 -5.90 -13.43 18.40
C PHE A 653 -5.14 -13.67 19.70
N LEU A 654 -4.18 -12.82 20.06
CA LEU A 654 -3.39 -13.01 21.25
C LEU A 654 -3.96 -12.33 22.48
N GLY A 655 -5.24 -11.97 22.44
CA GLY A 655 -5.94 -11.55 23.64
C GLY A 655 -6.06 -10.07 23.87
N GLY A 656 -5.71 -9.25 22.88
CA GLY A 656 -5.81 -7.80 22.97
C GLY A 656 -7.22 -7.35 22.80
N ARG A 657 -7.46 -6.24 23.44
CA ARG A 657 -8.80 -5.67 23.50
C ARG A 657 -8.96 -4.30 22.87
N ALA A 658 -7.96 -3.43 23.04
CA ALA A 658 -8.06 -2.05 22.60
C ALA A 658 -6.65 -1.51 22.30
N ILE A 659 -6.54 -0.47 21.46
CA ILE A 659 -5.28 0.12 21.06
C ILE A 659 -5.62 1.58 21.26
N ILE A 660 -4.92 2.34 22.08
CA ILE A 660 -5.26 3.68 22.44
C ILE A 660 -4.04 4.46 22.00
N THR A 661 -4.25 5.45 21.12
CA THR A 661 -3.17 6.18 20.48
C THR A 661 -3.50 7.68 20.36
N LYS A 662 -2.50 8.47 19.95
CA LYS A 662 -2.78 9.86 19.65
C LYS A 662 -3.45 9.90 18.29
N SER A 663 -3.13 9.09 17.31
CA SER A 663 -3.85 9.09 16.04
C SER A 663 -3.50 7.81 15.33
N PHE A 664 -4.36 7.46 14.38
CA PHE A 664 -4.26 6.25 13.59
C PHE A 664 -4.16 6.59 12.13
N ALA A 665 -3.49 5.69 11.40
CA ALA A 665 -3.57 5.71 9.96
C ALA A 665 -4.91 5.03 9.60
N ARG A 666 -5.57 5.48 8.52
CA ARG A 666 -6.90 5.03 8.12
C ARG A 666 -7.10 3.56 7.93
N ILE A 667 -6.28 2.90 7.13
CA ILE A 667 -6.58 1.51 6.79
C ILE A 667 -6.41 0.68 8.06
N HIS A 668 -5.38 0.91 8.87
CA HIS A 668 -5.21 0.15 10.09
C HIS A 668 -6.35 0.37 11.06
N GLU A 669 -6.86 1.60 11.25
CA GLU A 669 -8.00 1.83 12.12
C GLU A 669 -9.24 1.08 11.64
N THR A 670 -9.50 1.07 10.33
CA THR A 670 -10.61 0.31 9.81
C THR A 670 -10.40 -1.18 10.08
N ASN A 671 -9.20 -1.72 9.88
CA ASN A 671 -8.93 -3.14 10.13
C ASN A 671 -9.13 -3.50 11.60
N LEU A 672 -8.77 -2.61 12.54
CA LEU A 672 -8.98 -2.85 13.95
C LEU A 672 -10.46 -2.99 14.30
N LYS A 673 -11.30 -2.09 13.81
CA LYS A 673 -12.75 -2.16 14.00
C LYS A 673 -13.32 -3.43 13.37
N LYS A 674 -12.84 -3.82 12.19
CA LYS A 674 -13.27 -5.01 11.49
C LYS A 674 -13.10 -6.32 12.26
N GLN A 675 -12.03 -6.35 13.07
CA GLN A 675 -11.69 -7.54 13.84
C GLN A 675 -12.17 -7.45 15.27
N GLY A 676 -13.05 -6.51 15.60
CA GLY A 676 -13.64 -6.48 16.93
C GLY A 676 -12.79 -5.85 18.02
N LEU A 677 -11.72 -5.12 17.66
CA LEU A 677 -10.94 -4.40 18.66
C LEU A 677 -11.47 -2.98 18.70
N LEU A 678 -11.03 -2.27 19.73
CA LEU A 678 -11.45 -0.91 19.90
C LEU A 678 -10.32 0.00 19.56
N PRO A 679 -10.22 0.68 18.39
CA PRO A 679 -9.25 1.73 18.19
C PRO A 679 -9.74 3.04 18.82
N LEU A 680 -9.04 3.55 19.84
CA LEU A 680 -9.49 4.77 20.53
C LEU A 680 -8.38 5.81 20.51
N THR A 681 -8.68 7.10 20.38
CA THR A 681 -7.64 8.11 20.47
C THR A 681 -7.82 8.95 21.74
N PHE A 682 -6.73 9.47 22.29
CA PHE A 682 -6.79 10.40 23.42
C PHE A 682 -7.60 11.64 23.06
N ALA A 683 -8.54 12.10 23.90
CA ALA A 683 -9.23 13.33 23.59
C ALA A 683 -8.27 14.46 23.85
N ASP A 684 -7.26 14.27 24.71
CA ASP A 684 -6.21 15.26 24.88
C ASP A 684 -4.96 14.43 24.70
N PRO A 685 -4.19 14.57 23.62
CA PRO A 685 -2.99 13.78 23.40
C PRO A 685 -1.95 13.87 24.51
N ALA A 686 -1.99 14.89 25.36
CA ALA A 686 -1.06 14.97 26.46
C ALA A 686 -1.31 13.87 27.49
N ASP A 687 -2.52 13.30 27.54
CA ASP A 687 -2.78 12.18 28.41
C ASP A 687 -1.94 10.94 28.17
N TYR A 688 -1.26 10.82 27.04
CA TYR A 688 -0.36 9.73 26.78
C TYR A 688 0.70 9.68 27.88
N ASN A 689 1.07 10.86 28.37
CA ASN A 689 2.10 10.98 29.37
C ASN A 689 1.68 10.67 30.79
N LYS A 690 0.37 10.51 31.03
CA LYS A 690 -0.20 10.10 32.31
C LYS A 690 -0.22 8.59 32.50
N ILE A 691 -0.09 7.86 31.40
CA ILE A 691 -0.15 6.43 31.42
C ILE A 691 1.27 5.89 31.39
N HIS A 692 1.55 5.08 32.39
CA HIS A 692 2.84 4.46 32.62
C HIS A 692 2.61 2.98 32.39
N PRO A 693 3.64 2.24 31.92
CA PRO A 693 3.53 0.80 31.62
C PRO A 693 2.97 -0.01 32.78
N VAL A 694 3.14 0.48 34.03
CA VAL A 694 2.66 -0.19 35.25
C VAL A 694 1.17 0.01 35.61
N ASP A 695 0.53 1.01 34.99
CA ASP A 695 -0.85 1.34 35.28
C ASP A 695 -1.81 0.29 34.71
N LYS A 696 -3.00 0.17 35.28
CA LYS A 696 -4.02 -0.73 34.75
C LYS A 696 -5.11 0.21 34.28
N LEU A 697 -5.90 -0.19 33.30
CA LEU A 697 -6.90 0.72 32.74
C LEU A 697 -8.28 0.09 32.69
N THR A 698 -9.31 0.88 32.97
CA THR A 698 -10.68 0.46 32.80
C THR A 698 -11.32 1.35 31.72
N ILE A 699 -11.85 0.74 30.65
CA ILE A 699 -12.54 1.50 29.63
C ILE A 699 -13.98 1.28 30.11
N GLN A 700 -14.73 2.36 30.19
CA GLN A 700 -16.03 2.29 30.74
C GLN A 700 -17.03 2.96 29.82
N GLY A 701 -18.25 2.46 29.82
CA GLY A 701 -19.30 3.08 29.04
C GLY A 701 -19.58 2.36 27.73
N LEU A 702 -19.18 1.08 27.60
CA LEU A 702 -19.37 0.32 26.39
C LEU A 702 -20.83 -0.04 26.22
N LYS A 703 -21.62 0.02 27.30
CA LYS A 703 -23.02 -0.34 27.20
C LYS A 703 -23.79 0.68 26.40
N ASP A 704 -23.46 1.95 26.51
CA ASP A 704 -24.16 2.93 25.69
C ASP A 704 -23.18 3.56 24.74
N PHE A 705 -22.39 2.69 24.10
CA PHE A 705 -21.38 3.03 23.09
C PHE A 705 -22.18 3.70 21.97
N ALA A 706 -21.77 4.87 21.51
CA ALA A 706 -22.56 5.58 20.51
C ALA A 706 -21.70 6.47 19.64
N PRO A 707 -22.01 6.65 18.36
CA PRO A 707 -21.32 7.58 17.46
C PRO A 707 -21.18 8.95 18.12
N GLY A 708 -19.98 9.52 18.15
CA GLY A 708 -19.83 10.86 18.67
C GLY A 708 -19.74 10.96 20.19
N LYS A 709 -20.06 9.94 20.97
CA LYS A 709 -19.92 10.00 22.42
C LYS A 709 -18.54 9.41 22.79
N PRO A 710 -17.65 10.14 23.49
CA PRO A 710 -16.41 9.62 24.09
C PRO A 710 -16.60 8.53 25.15
N LEU A 711 -15.60 7.67 25.33
CA LEU A 711 -15.62 6.63 26.35
C LEU A 711 -14.78 7.14 27.48
N THR A 712 -15.02 6.69 28.73
CA THR A 712 -14.16 7.16 29.81
C THR A 712 -13.12 6.06 30.13
N CYS A 713 -11.89 6.48 30.42
CA CYS A 713 -10.84 5.56 30.71
C CYS A 713 -10.38 5.97 32.10
N ILE A 714 -10.40 5.05 33.07
CA ILE A 714 -9.89 5.30 34.43
C ILE A 714 -8.47 4.73 34.48
N ILE A 715 -7.47 5.54 34.74
CA ILE A 715 -6.09 5.09 34.85
C ILE A 715 -5.91 4.77 36.33
N LYS A 716 -5.62 3.50 36.63
CA LYS A 716 -5.42 3.05 38.00
C LYS A 716 -3.93 2.93 38.28
N HIS A 717 -3.39 3.91 39.03
CA HIS A 717 -1.97 3.91 39.37
C HIS A 717 -1.72 2.98 40.57
N PRO A 718 -0.53 2.39 40.68
CA PRO A 718 -0.22 1.30 41.62
C PRO A 718 -0.35 1.76 43.08
N ASN A 719 0.06 3.01 43.31
CA ASN A 719 -0.09 3.65 44.59
C ASN A 719 -1.54 3.92 44.97
N GLY A 720 -2.56 3.44 44.26
CA GLY A 720 -3.95 3.67 44.63
C GLY A 720 -4.56 4.87 43.94
N THR A 721 -3.75 5.79 43.40
CA THR A 721 -4.23 6.99 42.73
C THR A 721 -4.96 6.62 41.44
N GLN A 722 -6.11 7.21 41.15
CA GLN A 722 -6.84 6.99 39.92
C GLN A 722 -6.95 8.32 39.23
N GLU A 723 -7.03 8.35 37.90
CA GLU A 723 -7.22 9.56 37.11
C GLU A 723 -8.22 9.13 36.04
N THR A 724 -9.15 9.97 35.65
CA THR A 724 -10.10 9.68 34.58
C THR A 724 -9.83 10.57 33.39
N ILE A 725 -9.76 9.97 32.20
CA ILE A 725 -9.57 10.69 30.95
C ILE A 725 -10.65 10.21 29.97
N LEU A 726 -10.86 10.97 28.89
CA LEU A 726 -11.82 10.64 27.84
C LEU A 726 -11.11 10.21 26.56
N LEU A 727 -11.73 9.26 25.88
CA LEU A 727 -11.13 8.70 24.68
C LEU A 727 -12.17 8.77 23.57
N ASN A 728 -11.76 9.26 22.41
CA ASN A 728 -12.63 9.40 21.27
C ASN A 728 -12.51 8.19 20.37
N HIS A 729 -13.54 7.99 19.54
CA HIS A 729 -13.62 6.90 18.57
C HIS A 729 -14.33 7.37 17.29
N THR A 730 -14.22 6.76 16.08
CA THR A 730 -14.98 7.23 14.95
C THR A 730 -15.99 6.20 14.55
N PHE A 731 -16.44 5.30 15.44
CA PHE A 731 -17.48 4.31 15.11
C PHE A 731 -18.84 4.95 14.75
N ASN A 732 -19.48 4.48 13.69
CA ASN A 732 -20.85 4.83 13.35
C ASN A 732 -21.68 3.60 13.80
N GLU A 733 -23.01 3.50 13.70
CA GLU A 733 -23.69 2.34 14.26
C GLU A 733 -23.42 1.03 13.56
N THR A 734 -23.06 1.05 12.28
CA THR A 734 -22.68 -0.16 11.56
C THR A 734 -21.47 -0.80 12.24
N GLN A 735 -20.44 0.03 12.52
CA GLN A 735 -19.23 -0.46 13.12
C GLN A 735 -19.42 -0.89 14.59
N ILE A 736 -20.30 -0.25 15.37
CA ILE A 736 -20.54 -0.70 16.74
C ILE A 736 -21.13 -2.12 16.65
N GLU A 737 -21.98 -2.43 15.68
CA GLU A 737 -22.42 -3.79 15.50
C GLU A 737 -21.27 -4.79 15.24
N TRP A 738 -20.18 -4.41 14.58
CA TRP A 738 -19.03 -5.28 14.36
C TRP A 738 -18.39 -5.58 15.71
N PHE A 739 -18.20 -4.55 16.51
CA PHE A 739 -17.65 -4.72 17.85
C PHE A 739 -18.58 -5.61 18.69
N ARG A 740 -19.91 -5.37 18.80
CA ARG A 740 -20.80 -6.19 19.62
C ARG A 740 -20.77 -7.65 19.15
N ALA A 741 -20.77 -7.91 17.82
CA ALA A 741 -20.66 -9.27 17.33
C ALA A 741 -19.31 -9.92 17.52
N GLY A 742 -18.22 -9.22 17.84
CA GLY A 742 -16.93 -9.87 17.92
C GLY A 742 -16.07 -9.63 16.68
N SER A 743 -16.64 -9.35 15.51
CA SER A 743 -15.94 -8.97 14.29
C SER A 743 -17.00 -8.65 13.25
N ALA A 744 -16.59 -8.02 12.14
CA ALA A 744 -17.51 -7.75 11.06
C ALA A 744 -17.94 -9.05 10.41
N LEU A 745 -17.01 -10.00 10.25
CA LEU A 745 -17.36 -11.28 9.71
C LEU A 745 -18.40 -11.98 10.60
N ASN A 746 -18.32 -11.89 11.95
CA ASN A 746 -19.33 -12.49 12.82
C ASN A 746 -20.72 -11.88 12.64
N ARG A 747 -20.77 -10.57 12.45
CA ARG A 747 -21.99 -9.82 12.21
C ARG A 747 -22.59 -10.25 10.87
N MET A 748 -21.78 -10.35 9.81
CA MET A 748 -22.24 -10.73 8.50
C MET A 748 -22.90 -12.10 8.58
N LYS A 749 -22.25 -13.03 9.28
CA LYS A 749 -22.80 -14.34 9.45
C LYS A 749 -24.06 -14.31 10.27
N GLU A 750 -24.24 -13.44 11.27
CA GLU A 750 -25.51 -13.35 11.98
C GLU A 750 -26.61 -12.98 10.98
N LEU A 751 -26.40 -11.99 10.10
CA LEU A 751 -27.41 -11.61 9.12
C LEU A 751 -27.81 -12.69 8.12
N GLN A 752 -27.07 -13.81 8.04
CA GLN A 752 -27.47 -14.97 7.26
C GLN A 752 -28.41 -15.86 8.09
N GLN A 753 -29.45 -15.24 8.64
CA GLN A 753 -30.58 -15.84 9.38
C GLN A 753 -30.42 -16.98 10.39
N LYS A 754 -29.22 -17.01 10.94
CA LYS A 754 -28.79 -18.02 11.90
C LYS A 754 -27.41 -17.55 12.36
FE1 SF4 B . 4.46 -2.36 -4.46
FE2 SF4 B . 6.52 -3.10 -2.93
FE3 SF4 B . 4.94 -4.99 -3.96
FE4 SF4 B . 3.82 -3.36 -1.85
S1 SF4 B . 5.65 -4.84 -1.73
S2 SF4 B . 2.84 -3.93 -3.95
S3 SF4 B . 5.01 -1.41 -2.42
S4 SF4 B . 6.26 -3.57 -5.17
C1 NIC C . 3.62 -3.55 1.34
O1 NIC C . 3.93 -3.43 2.53
O2 NIC C . 4.19 -2.88 0.49
C2 NIC C . 2.59 -4.62 0.86
C3 NIC C . 1.22 -4.35 1.57
O7 NIC C . 2.46 -4.78 -0.55
C4 NIC C . 0.24 -5.45 1.72
C5 NIC C . 1.01 -6.52 2.44
O3 NIC C . 1.62 -6.50 3.53
O4 NIC C . 0.98 -7.61 1.83
N6 NIC C . 0.64 -3.00 1.45
O5 NIC C . 1.29 -1.97 1.21
O6 NIC C . -0.56 -2.78 1.56
#